data_1FAR
# 
_entry.id   1FAR 
# 
_audit_conform.dict_name       mmcif_pdbx.dic 
_audit_conform.dict_version    5.392 
_audit_conform.dict_location   http://mmcif.pdb.org/dictionaries/ascii/mmcif_pdbx.dic 
# 
loop_
_database_2.database_id 
_database_2.database_code 
_database_2.pdbx_database_accession 
_database_2.pdbx_DOI 
PDB   1FAR         pdb_00001far 10.2210/pdb1far/pdb 
WWPDB D_1000173210 ?            ?                   
# 
loop_
_pdbx_audit_revision_history.ordinal 
_pdbx_audit_revision_history.data_content_type 
_pdbx_audit_revision_history.major_revision 
_pdbx_audit_revision_history.minor_revision 
_pdbx_audit_revision_history.revision_date 
1 'Structure model' 1 0 1997-01-27 
2 'Structure model' 1 1 2008-03-24 
3 'Structure model' 1 2 2011-07-13 
4 'Structure model' 1 3 2022-02-23 
5 'Structure model' 1 4 2024-05-22 
# 
_pdbx_audit_revision_details.ordinal             1 
_pdbx_audit_revision_details.revision_ordinal    1 
_pdbx_audit_revision_details.data_content_type   'Structure model' 
_pdbx_audit_revision_details.provider            repository 
_pdbx_audit_revision_details.type                'Initial release' 
_pdbx_audit_revision_details.description         ? 
_pdbx_audit_revision_details.details             ? 
# 
loop_
_pdbx_audit_revision_group.ordinal 
_pdbx_audit_revision_group.revision_ordinal 
_pdbx_audit_revision_group.data_content_type 
_pdbx_audit_revision_group.group 
1 2 'Structure model' 'Version format compliance' 
2 3 'Structure model' 'Version format compliance' 
3 4 'Structure model' 'Database references'       
4 4 'Structure model' 'Derived calculations'      
5 4 'Structure model' Other                       
6 5 'Structure model' 'Data collection'           
# 
loop_
_pdbx_audit_revision_category.ordinal 
_pdbx_audit_revision_category.revision_ordinal 
_pdbx_audit_revision_category.data_content_type 
_pdbx_audit_revision_category.category 
1 4 'Structure model' database_2             
2 4 'Structure model' pdbx_database_status   
3 4 'Structure model' pdbx_struct_assembly   
4 4 'Structure model' pdbx_struct_conn_angle 
5 4 'Structure model' pdbx_struct_oper_list  
6 4 'Structure model' struct_conn            
7 4 'Structure model' struct_site            
8 5 'Structure model' chem_comp_atom         
9 5 'Structure model' chem_comp_bond         
# 
loop_
_pdbx_audit_revision_item.ordinal 
_pdbx_audit_revision_item.revision_ordinal 
_pdbx_audit_revision_item.data_content_type 
_pdbx_audit_revision_item.item 
1  4 'Structure model' '_database_2.pdbx_DOI'                       
2  4 'Structure model' '_database_2.pdbx_database_accession'        
3  4 'Structure model' '_pdbx_database_status.process_site'         
4  4 'Structure model' '_pdbx_struct_conn_angle.ptnr1_auth_seq_id'  
5  4 'Structure model' '_pdbx_struct_conn_angle.ptnr1_label_seq_id' 
6  4 'Structure model' '_pdbx_struct_conn_angle.ptnr3_auth_seq_id'  
7  4 'Structure model' '_pdbx_struct_conn_angle.ptnr3_label_seq_id' 
8  4 'Structure model' '_pdbx_struct_conn_angle.value'              
9  4 'Structure model' '_struct_conn.pdbx_dist_value'               
10 4 'Structure model' '_struct_conn.ptnr1_auth_seq_id'             
11 4 'Structure model' '_struct_conn.ptnr1_label_asym_id'           
12 4 'Structure model' '_struct_conn.ptnr2_auth_comp_id'            
13 4 'Structure model' '_struct_conn.ptnr2_auth_seq_id'             
14 4 'Structure model' '_struct_conn.ptnr2_label_atom_id'           
15 4 'Structure model' '_struct_conn.ptnr2_label_comp_id'           
16 4 'Structure model' '_struct_conn.ptnr2_label_seq_id'            
17 4 'Structure model' '_struct_site.pdbx_auth_asym_id'             
18 4 'Structure model' '_struct_site.pdbx_auth_comp_id'             
19 4 'Structure model' '_struct_site.pdbx_auth_seq_id'              
# 
_pdbx_database_status.status_code                     REL 
_pdbx_database_status.entry_id                        1FAR 
_pdbx_database_status.recvd_initial_deposition_date   1996-09-05 
_pdbx_database_status.deposit_site                    ? 
_pdbx_database_status.process_site                    BNL 
_pdbx_database_status.SG_entry                        . 
_pdbx_database_status.pdb_format_compatible           Y 
_pdbx_database_status.status_code_mr                  ? 
_pdbx_database_status.status_code_sf                  ? 
_pdbx_database_status.status_code_cs                  ? 
_pdbx_database_status.status_code_nmr_data            ? 
_pdbx_database_status.methods_development_category    ? 
# 
_pdbx_database_related.db_name        PDB 
_pdbx_database_related.db_id          1FAQ 
_pdbx_database_related.details        . 
_pdbx_database_related.content_type   ensemble 
# 
loop_
_audit_author.name 
_audit_author.pdbx_ordinal 
'Mott, H.R.'     1 
'Campbell, S.L.' 2 
# 
_citation.id                        primary 
_citation.title                     
'The solution structure of the Raf-1 cysteine-rich domain: a novel ras and phospholipid binding site.' 
_citation.journal_abbrev            Proc.Natl.Acad.Sci.USA 
_citation.journal_volume            93 
_citation.page_first                8312 
_citation.page_last                 8317 
_citation.year                      1996 
_citation.journal_id_ASTM           PNASA6 
_citation.country                   US 
_citation.journal_id_ISSN           0027-8424 
_citation.journal_id_CSD            0040 
_citation.book_publisher            ? 
_citation.pdbx_database_id_PubMed   8710867 
_citation.pdbx_database_id_DOI      10.1073/pnas.93.16.8312 
# 
loop_
_citation_author.citation_id 
_citation_author.name 
_citation_author.ordinal 
_citation_author.identifier_ORCID 
primary 'Mott, H.R.'      1 ? 
primary 'Carpenter, J.W.' 2 ? 
primary 'Zhong, S.'       3 ? 
primary 'Ghosh, S.'       4 ? 
primary 'Bell, R.M.'      5 ? 
primary 'Campbell, S.L.'  6 ? 
# 
loop_
_entity.id 
_entity.type 
_entity.src_method 
_entity.pdbx_description 
_entity.formula_weight 
_entity.pdbx_number_of_molecules 
_entity.pdbx_ec 
_entity.pdbx_mutation 
_entity.pdbx_fragment 
_entity.details 
1 polymer     man RAF-1      6143.257 1 2.7.1.- ? 'CYSTEINE-RICH DOMAIN' ? 
2 non-polymer syn 'ZINC ION' 65.409   2 ?       ? ?                      ? 
# 
_entity_poly.entity_id                      1 
_entity_poly.type                           'polypeptide(L)' 
_entity_poly.nstd_linkage                   no 
_entity_poly.nstd_monomer                   no 
_entity_poly.pdbx_seq_one_letter_code       LTTHNFARKTFLKLAFCDICQKFLLNGFRCQTCGYKFHEHCSTKVPTMCVDW 
_entity_poly.pdbx_seq_one_letter_code_can   LTTHNFARKTFLKLAFCDICQKFLLNGFRCQTCGYKFHEHCSTKVPTMCVDW 
_entity_poly.pdbx_strand_id                 A 
_entity_poly.pdbx_target_identifier         ? 
# 
_pdbx_entity_nonpoly.entity_id   2 
_pdbx_entity_nonpoly.name        'ZINC ION' 
_pdbx_entity_nonpoly.comp_id     ZN 
# 
loop_
_entity_poly_seq.entity_id 
_entity_poly_seq.num 
_entity_poly_seq.mon_id 
_entity_poly_seq.hetero 
1 1  LEU n 
1 2  THR n 
1 3  THR n 
1 4  HIS n 
1 5  ASN n 
1 6  PHE n 
1 7  ALA n 
1 8  ARG n 
1 9  LYS n 
1 10 THR n 
1 11 PHE n 
1 12 LEU n 
1 13 LYS n 
1 14 LEU n 
1 15 ALA n 
1 16 PHE n 
1 17 CYS n 
1 18 ASP n 
1 19 ILE n 
1 20 CYS n 
1 21 GLN n 
1 22 LYS n 
1 23 PHE n 
1 24 LEU n 
1 25 LEU n 
1 26 ASN n 
1 27 GLY n 
1 28 PHE n 
1 29 ARG n 
1 30 CYS n 
1 31 GLN n 
1 32 THR n 
1 33 CYS n 
1 34 GLY n 
1 35 TYR n 
1 36 LYS n 
1 37 PHE n 
1 38 HIS n 
1 39 GLU n 
1 40 HIS n 
1 41 CYS n 
1 42 SER n 
1 43 THR n 
1 44 LYS n 
1 45 VAL n 
1 46 PRO n 
1 47 THR n 
1 48 MET n 
1 49 CYS n 
1 50 VAL n 
1 51 ASP n 
1 52 TRP n 
# 
_entity_src_gen.entity_id                          1 
_entity_src_gen.pdbx_src_id                        1 
_entity_src_gen.pdbx_alt_source_flag               sample 
_entity_src_gen.pdbx_seq_type                      ? 
_entity_src_gen.pdbx_beg_seq_num                   ? 
_entity_src_gen.pdbx_end_seq_num                   ? 
_entity_src_gen.gene_src_common_name               human 
_entity_src_gen.gene_src_genus                     Homo 
_entity_src_gen.pdbx_gene_src_gene                 ? 
_entity_src_gen.gene_src_species                   ? 
_entity_src_gen.gene_src_strain                    ? 
_entity_src_gen.gene_src_tissue                    ? 
_entity_src_gen.gene_src_tissue_fraction           ? 
_entity_src_gen.gene_src_details                   ? 
_entity_src_gen.pdbx_gene_src_fragment             ? 
_entity_src_gen.pdbx_gene_src_scientific_name      'Homo sapiens' 
_entity_src_gen.pdbx_gene_src_ncbi_taxonomy_id     9606 
_entity_src_gen.pdbx_gene_src_variant              ? 
_entity_src_gen.pdbx_gene_src_cell_line            ? 
_entity_src_gen.pdbx_gene_src_atcc                 ? 
_entity_src_gen.pdbx_gene_src_organ                ? 
_entity_src_gen.pdbx_gene_src_organelle            ? 
_entity_src_gen.pdbx_gene_src_cell                 ? 
_entity_src_gen.pdbx_gene_src_cellular_location    ? 
_entity_src_gen.host_org_common_name               ? 
_entity_src_gen.pdbx_host_org_scientific_name      'Escherichia coli' 
_entity_src_gen.pdbx_host_org_ncbi_taxonomy_id     562 
_entity_src_gen.host_org_genus                     Escherichia 
_entity_src_gen.pdbx_host_org_gene                 ? 
_entity_src_gen.pdbx_host_org_organ                ? 
_entity_src_gen.host_org_species                   ? 
_entity_src_gen.pdbx_host_org_tissue               ? 
_entity_src_gen.pdbx_host_org_tissue_fraction      ? 
_entity_src_gen.pdbx_host_org_strain               ? 
_entity_src_gen.pdbx_host_org_variant              ? 
_entity_src_gen.pdbx_host_org_cell_line            ? 
_entity_src_gen.pdbx_host_org_atcc                 ? 
_entity_src_gen.pdbx_host_org_culture_collection   ? 
_entity_src_gen.pdbx_host_org_cell                 ? 
_entity_src_gen.pdbx_host_org_organelle            ? 
_entity_src_gen.pdbx_host_org_cellular_location    ? 
_entity_src_gen.pdbx_host_org_vector_type          ? 
_entity_src_gen.pdbx_host_org_vector               ? 
_entity_src_gen.host_org_details                   ? 
_entity_src_gen.expression_system_id               ? 
_entity_src_gen.plasmid_name                       PGEX 
_entity_src_gen.plasmid_details                    ? 
_entity_src_gen.pdbx_description                   ? 
# 
loop_
_chem_comp.id 
_chem_comp.type 
_chem_comp.mon_nstd_flag 
_chem_comp.name 
_chem_comp.pdbx_synonyms 
_chem_comp.formula 
_chem_comp.formula_weight 
ALA 'L-peptide linking' y ALANINE         ? 'C3 H7 N O2'     89.093  
ARG 'L-peptide linking' y ARGININE        ? 'C6 H15 N4 O2 1' 175.209 
ASN 'L-peptide linking' y ASPARAGINE      ? 'C4 H8 N2 O3'    132.118 
ASP 'L-peptide linking' y 'ASPARTIC ACID' ? 'C4 H7 N O4'     133.103 
CYS 'L-peptide linking' y CYSTEINE        ? 'C3 H7 N O2 S'   121.158 
GLN 'L-peptide linking' y GLUTAMINE       ? 'C5 H10 N2 O3'   146.144 
GLU 'L-peptide linking' y 'GLUTAMIC ACID' ? 'C5 H9 N O4'     147.129 
GLY 'peptide linking'   y GLYCINE         ? 'C2 H5 N O2'     75.067  
HIS 'L-peptide linking' y HISTIDINE       ? 'C6 H10 N3 O2 1' 156.162 
ILE 'L-peptide linking' y ISOLEUCINE      ? 'C6 H13 N O2'    131.173 
LEU 'L-peptide linking' y LEUCINE         ? 'C6 H13 N O2'    131.173 
LYS 'L-peptide linking' y LYSINE          ? 'C6 H15 N2 O2 1' 147.195 
MET 'L-peptide linking' y METHIONINE      ? 'C5 H11 N O2 S'  149.211 
PHE 'L-peptide linking' y PHENYLALANINE   ? 'C9 H11 N O2'    165.189 
PRO 'L-peptide linking' y PROLINE         ? 'C5 H9 N O2'     115.130 
SER 'L-peptide linking' y SERINE          ? 'C3 H7 N O3'     105.093 
THR 'L-peptide linking' y THREONINE       ? 'C4 H9 N O3'     119.119 
TRP 'L-peptide linking' y TRYPTOPHAN      ? 'C11 H12 N2 O2'  204.225 
TYR 'L-peptide linking' y TYROSINE        ? 'C9 H11 N O3'    181.189 
VAL 'L-peptide linking' y VALINE          ? 'C5 H11 N O2'    117.146 
ZN  non-polymer         . 'ZINC ION'      ? 'Zn 2'           65.409  
# 
loop_
_pdbx_poly_seq_scheme.asym_id 
_pdbx_poly_seq_scheme.entity_id 
_pdbx_poly_seq_scheme.seq_id 
_pdbx_poly_seq_scheme.mon_id 
_pdbx_poly_seq_scheme.ndb_seq_num 
_pdbx_poly_seq_scheme.pdb_seq_num 
_pdbx_poly_seq_scheme.auth_seq_num 
_pdbx_poly_seq_scheme.pdb_mon_id 
_pdbx_poly_seq_scheme.auth_mon_id 
_pdbx_poly_seq_scheme.pdb_strand_id 
_pdbx_poly_seq_scheme.pdb_ins_code 
_pdbx_poly_seq_scheme.hetero 
A 1 1  LEU 1  136 136 LEU LEU A . n 
A 1 2  THR 2  137 137 THR THR A . n 
A 1 3  THR 3  138 138 THR THR A . n 
A 1 4  HIS 4  139 139 HIS HIS A . n 
A 1 5  ASN 5  140 140 ASN ASN A . n 
A 1 6  PHE 6  141 141 PHE PHE A . n 
A 1 7  ALA 7  142 142 ALA ALA A . n 
A 1 8  ARG 8  143 143 ARG ARG A . n 
A 1 9  LYS 9  144 144 LYS LYS A . n 
A 1 10 THR 10 145 145 THR THR A . n 
A 1 11 PHE 11 146 146 PHE PHE A . n 
A 1 12 LEU 12 147 147 LEU LEU A . n 
A 1 13 LYS 13 148 148 LYS LYS A . n 
A 1 14 LEU 14 149 149 LEU LEU A . n 
A 1 15 ALA 15 150 150 ALA ALA A . n 
A 1 16 PHE 16 151 151 PHE PHE A . n 
A 1 17 CYS 17 152 152 CYS CYS A . n 
A 1 18 ASP 18 153 153 ASP ASP A . n 
A 1 19 ILE 19 154 154 ILE ILE A . n 
A 1 20 CYS 20 155 155 CYS CYS A . n 
A 1 21 GLN 21 156 156 GLN GLN A . n 
A 1 22 LYS 22 157 157 LYS LYS A . n 
A 1 23 PHE 23 158 158 PHE PHE A . n 
A 1 24 LEU 24 159 159 LEU LEU A . n 
A 1 25 LEU 25 160 160 LEU LEU A . n 
A 1 26 ASN 26 161 161 ASN ASN A . n 
A 1 27 GLY 27 162 162 GLY GLY A . n 
A 1 28 PHE 28 163 163 PHE PHE A . n 
A 1 29 ARG 29 164 164 ARG ARG A . n 
A 1 30 CYS 30 165 165 CYS CYS A . n 
A 1 31 GLN 31 166 166 GLN GLN A . n 
A 1 32 THR 32 167 167 THR THR A . n 
A 1 33 CYS 33 168 168 CYS CYS A . n 
A 1 34 GLY 34 169 169 GLY GLY A . n 
A 1 35 TYR 35 170 170 TYR TYR A . n 
A 1 36 LYS 36 171 171 LYS LYS A . n 
A 1 37 PHE 37 172 172 PHE PHE A . n 
A 1 38 HIS 38 173 173 HIS HIS A . n 
A 1 39 GLU 39 174 174 GLU GLU A . n 
A 1 40 HIS 40 175 175 HIS HIS A . n 
A 1 41 CYS 41 176 176 CYS CYS A . n 
A 1 42 SER 42 177 177 SER SER A . n 
A 1 43 THR 43 178 178 THR THR A . n 
A 1 44 LYS 44 179 179 LYS LYS A . n 
A 1 45 VAL 45 180 180 VAL VAL A . n 
A 1 46 PRO 46 181 181 PRO PRO A . n 
A 1 47 THR 47 182 182 THR THR A . n 
A 1 48 MET 48 183 183 MET MET A . n 
A 1 49 CYS 49 184 184 CYS CYS A . n 
A 1 50 VAL 50 185 185 VAL VAL A . n 
A 1 51 ASP 51 186 186 ASP ASP A . n 
A 1 52 TRP 52 187 187 TRP TRP A . n 
# 
loop_
_pdbx_nonpoly_scheme.asym_id 
_pdbx_nonpoly_scheme.entity_id 
_pdbx_nonpoly_scheme.mon_id 
_pdbx_nonpoly_scheme.ndb_seq_num 
_pdbx_nonpoly_scheme.pdb_seq_num 
_pdbx_nonpoly_scheme.auth_seq_num 
_pdbx_nonpoly_scheme.pdb_mon_id 
_pdbx_nonpoly_scheme.auth_mon_id 
_pdbx_nonpoly_scheme.pdb_strand_id 
_pdbx_nonpoly_scheme.pdb_ins_code 
B 2 ZN 1 1 1 ZN ZN A . 
C 2 ZN 1 2 2 ZN ZN A . 
# 
loop_
_software.name 
_software.classification 
_software.version 
_software.citation_id 
_software.pdbx_ordinal 
X-PLOR 'model building' . ? 1 
X-PLOR refinement       . ? 2 
X-PLOR phasing          . ? 3 
# 
_cell.entry_id           1FAR 
_cell.length_a           1.000 
_cell.length_b           1.000 
_cell.length_c           1.000 
_cell.angle_alpha        90.00 
_cell.angle_beta         90.00 
_cell.angle_gamma        90.00 
_cell.Z_PDB              1 
_cell.pdbx_unique_axis   ? 
# 
_symmetry.entry_id                         1FAR 
_symmetry.space_group_name_H-M             'P 1' 
_symmetry.pdbx_full_space_group_name_H-M   ? 
_symmetry.cell_setting                     ? 
_symmetry.Int_Tables_number                1 
# 
_exptl.entry_id          1FAR 
_exptl.method            'SOLUTION NMR' 
_exptl.crystals_number   ? 
# 
_struct.entry_id                  1FAR 
_struct.title                     'RAF-1 CYSTEINE RICH DOMAIN, NMR, MINIMIZED AVERAGE STRUCTURE' 
_struct.pdbx_model_details        ? 
_struct.pdbx_CASP_flag            ? 
_struct.pdbx_model_type_details   ? 
# 
_struct_keywords.entry_id        1FAR 
_struct_keywords.pdbx_keywords   'SERINE/THREONINE PROTEIN KINASE' 
_struct_keywords.text            
;TRANSFERASE, SERINE/THREONINE-PROTEIN KINASE, PROTO-ONCOGENE, ZINC, ATP-BINDING, PHORBOL-ESTER BINDING, SERINE-THREONINE PROTEIN KINASE COMPLEX
;
# 
loop_
_struct_asym.id 
_struct_asym.pdbx_blank_PDB_chainid_flag 
_struct_asym.pdbx_modified 
_struct_asym.entity_id 
_struct_asym.details 
A Y N 1 ? 
B N N 2 ? 
C N N 2 ? 
# 
_struct_ref.id                         1 
_struct_ref.db_name                    UNP 
_struct_ref.db_code                    RAF1_HUMAN 
_struct_ref.entity_id                  1 
_struct_ref.pdbx_db_accession          P04049 
_struct_ref.pdbx_align_begin           1 
_struct_ref.pdbx_seq_one_letter_code   
;MEHIQGAWKTISNGFGFKDAVFDGSSCISPTIVQQFGYQRRASDDGKLTDPSKTSNTIRVFLPNKQRTVVNVRNGMSLHD
CLMKALKVRGLQPECCAVFRLLHEHKGKKARLDWNTDAASLIGEELQVDFLDHVPLTTHNFARKTFLKLAFCDICQKFLL
NGFRCQTCGYKFHEHCSTKVPTMCVDWSNIRQLLLFPNSTIGDSGVPALPSLTMRRMRESVSRMPVSSQHRYSTPHAFTF
NTSSPSSEGSLSQRQRSTSTPNVHMVSTTLPVDSRMIEDAIRSHSESASPSALSSSPNNLSPTGWSQPKTPVPAQRERAP
VSGTQEKNKIRPRGQRDSSYYWEIEASEVMLSTRIGSGSFGTVYKGKWHGDVAVKILKVVDPTPEQFQAFRNEVAVLRKT
RHVNILLFMGYMTKDNLAIVTQWCEGSSLYKHLHVQETKFQMFQLIDIARQTAQGMDYLHAKNIIHRDMKSNNIFLHEGL
TVKIGDFGLATVKSRWSGSQQVEQPTGSVLWMAPEVIRMQDNNPFSFQSDVYSYGIVLYELMTGELPYSHINNRDQIIFM
VGRGYASPDLSKLYKNCPKAMKRLVADCVKKVKEERPLFPQILSSIELLQHSLPKINRSASEPSLHRAAHTEDINACTLT
TSPRLPVF
;
_struct_ref.pdbx_db_isoform            ? 
# 
_struct_ref_seq.align_id                      1 
_struct_ref_seq.ref_id                        1 
_struct_ref_seq.pdbx_PDB_id_code              1FAR 
_struct_ref_seq.pdbx_strand_id                A 
_struct_ref_seq.seq_align_beg                 1 
_struct_ref_seq.pdbx_seq_align_beg_ins_code   ? 
_struct_ref_seq.seq_align_end                 52 
_struct_ref_seq.pdbx_seq_align_end_ins_code   ? 
_struct_ref_seq.pdbx_db_accession             P04049 
_struct_ref_seq.db_align_beg                  136 
_struct_ref_seq.pdbx_db_align_beg_ins_code    ? 
_struct_ref_seq.db_align_end                  187 
_struct_ref_seq.pdbx_db_align_end_ins_code    ? 
_struct_ref_seq.pdbx_auth_seq_align_beg       136 
_struct_ref_seq.pdbx_auth_seq_align_end       187 
# 
_pdbx_struct_assembly.id                   1 
_pdbx_struct_assembly.details              author_defined_assembly 
_pdbx_struct_assembly.method_details       ? 
_pdbx_struct_assembly.oligomeric_details   monomeric 
_pdbx_struct_assembly.oligomeric_count     1 
# 
_pdbx_struct_assembly_gen.assembly_id       1 
_pdbx_struct_assembly_gen.oper_expression   1 
_pdbx_struct_assembly_gen.asym_id_list      A,B,C 
# 
_pdbx_struct_oper_list.id                   1 
_pdbx_struct_oper_list.type                 'identity operation' 
_pdbx_struct_oper_list.name                 1_555 
_pdbx_struct_oper_list.symmetry_operation   x,y,z 
_pdbx_struct_oper_list.matrix[1][1]         1.0000000000 
_pdbx_struct_oper_list.matrix[1][2]         0.0000000000 
_pdbx_struct_oper_list.matrix[1][3]         0.0000000000 
_pdbx_struct_oper_list.vector[1]            0.0000000000 
_pdbx_struct_oper_list.matrix[2][1]         0.0000000000 
_pdbx_struct_oper_list.matrix[2][2]         1.0000000000 
_pdbx_struct_oper_list.matrix[2][3]         0.0000000000 
_pdbx_struct_oper_list.vector[2]            0.0000000000 
_pdbx_struct_oper_list.matrix[3][1]         0.0000000000 
_pdbx_struct_oper_list.matrix[3][2]         0.0000000000 
_pdbx_struct_oper_list.matrix[3][3]         1.0000000000 
_pdbx_struct_oper_list.vector[3]            0.0000000000 
# 
_struct_biol.id   1 
# 
_struct_conf.conf_type_id            HELX_P 
_struct_conf.id                      HELX_P1 
_struct_conf.pdbx_PDB_helix_id       1 
_struct_conf.beg_label_comp_id       GLU 
_struct_conf.beg_label_asym_id       A 
_struct_conf.beg_label_seq_id        39 
_struct_conf.pdbx_beg_PDB_ins_code   ? 
_struct_conf.end_label_comp_id       CYS 
_struct_conf.end_label_asym_id       A 
_struct_conf.end_label_seq_id        41 
_struct_conf.pdbx_end_PDB_ins_code   ? 
_struct_conf.beg_auth_comp_id        GLU 
_struct_conf.beg_auth_asym_id        A 
_struct_conf.beg_auth_seq_id         174 
_struct_conf.end_auth_comp_id        CYS 
_struct_conf.end_auth_asym_id        A 
_struct_conf.end_auth_seq_id         176 
_struct_conf.pdbx_PDB_helix_class    5 
_struct_conf.details                 ? 
_struct_conf.pdbx_PDB_helix_length   3 
# 
_struct_conf_type.id          HELX_P 
_struct_conf_type.criteria    ? 
_struct_conf_type.reference   ? 
# 
loop_
_struct_conn.id 
_struct_conn.conn_type_id 
_struct_conn.pdbx_leaving_atom_flag 
_struct_conn.pdbx_PDB_id 
_struct_conn.ptnr1_label_asym_id 
_struct_conn.ptnr1_label_comp_id 
_struct_conn.ptnr1_label_seq_id 
_struct_conn.ptnr1_label_atom_id 
_struct_conn.pdbx_ptnr1_label_alt_id 
_struct_conn.pdbx_ptnr1_PDB_ins_code 
_struct_conn.pdbx_ptnr1_standard_comp_id 
_struct_conn.ptnr1_symmetry 
_struct_conn.ptnr2_label_asym_id 
_struct_conn.ptnr2_label_comp_id 
_struct_conn.ptnr2_label_seq_id 
_struct_conn.ptnr2_label_atom_id 
_struct_conn.pdbx_ptnr2_label_alt_id 
_struct_conn.pdbx_ptnr2_PDB_ins_code 
_struct_conn.ptnr1_auth_asym_id 
_struct_conn.ptnr1_auth_comp_id 
_struct_conn.ptnr1_auth_seq_id 
_struct_conn.ptnr2_auth_asym_id 
_struct_conn.ptnr2_auth_comp_id 
_struct_conn.ptnr2_auth_seq_id 
_struct_conn.ptnr2_symmetry 
_struct_conn.pdbx_ptnr3_label_atom_id 
_struct_conn.pdbx_ptnr3_label_seq_id 
_struct_conn.pdbx_ptnr3_label_comp_id 
_struct_conn.pdbx_ptnr3_label_asym_id 
_struct_conn.pdbx_ptnr3_label_alt_id 
_struct_conn.pdbx_ptnr3_PDB_ins_code 
_struct_conn.details 
_struct_conn.pdbx_dist_value 
_struct_conn.pdbx_value_order 
_struct_conn.pdbx_role 
metalc1 metalc ? ? B ZN . ZN ? ? ? 1_555 A CYS 17 SG  ? ? A ZN 1 A CYS 152 1_555 ? ? ? ? ? ? ? 2.356 ? ? 
metalc2 metalc ? ? B ZN . ZN ? ? ? 1_555 A CYS 20 SG  ? ? A ZN 1 A CYS 155 1_555 ? ? ? ? ? ? ? 2.392 ? ? 
metalc3 metalc ? ? B ZN . ZN ? ? ? 1_555 A HIS 38 ND1 ? ? A ZN 1 A HIS 173 1_555 ? ? ? ? ? ? ? 2.142 ? ? 
metalc4 metalc ? ? B ZN . ZN ? ? ? 1_555 A CYS 41 SG  ? ? A ZN 1 A CYS 176 1_555 ? ? ? ? ? ? ? 2.480 ? ? 
metalc5 metalc ? ? C ZN . ZN ? ? ? 1_555 A HIS 4  ND1 ? ? A ZN 2 A HIS 139 1_555 ? ? ? ? ? ? ? 2.172 ? ? 
metalc6 metalc ? ? C ZN . ZN ? ? ? 1_555 A CYS 30 SG  ? ? A ZN 2 A CYS 165 1_555 ? ? ? ? ? ? ? 2.384 ? ? 
metalc7 metalc ? ? C ZN . ZN ? ? ? 1_555 A CYS 33 SG  ? ? A ZN 2 A CYS 168 1_555 ? ? ? ? ? ? ? 2.455 ? ? 
metalc8 metalc ? ? C ZN . ZN ? ? ? 1_555 A CYS 49 SG  ? ? A ZN 2 A CYS 184 1_555 ? ? ? ? ? ? ? 2.364 ? ? 
# 
_struct_conn_type.id          metalc 
_struct_conn_type.criteria    ? 
_struct_conn_type.reference   ? 
# 
loop_
_pdbx_struct_conn_angle.id 
_pdbx_struct_conn_angle.ptnr1_label_atom_id 
_pdbx_struct_conn_angle.ptnr1_label_alt_id 
_pdbx_struct_conn_angle.ptnr1_label_asym_id 
_pdbx_struct_conn_angle.ptnr1_label_comp_id 
_pdbx_struct_conn_angle.ptnr1_label_seq_id 
_pdbx_struct_conn_angle.ptnr1_auth_atom_id 
_pdbx_struct_conn_angle.ptnr1_auth_asym_id 
_pdbx_struct_conn_angle.ptnr1_auth_comp_id 
_pdbx_struct_conn_angle.ptnr1_auth_seq_id 
_pdbx_struct_conn_angle.ptnr1_PDB_ins_code 
_pdbx_struct_conn_angle.ptnr1_symmetry 
_pdbx_struct_conn_angle.ptnr2_label_atom_id 
_pdbx_struct_conn_angle.ptnr2_label_alt_id 
_pdbx_struct_conn_angle.ptnr2_label_asym_id 
_pdbx_struct_conn_angle.ptnr2_label_comp_id 
_pdbx_struct_conn_angle.ptnr2_label_seq_id 
_pdbx_struct_conn_angle.ptnr2_auth_atom_id 
_pdbx_struct_conn_angle.ptnr2_auth_asym_id 
_pdbx_struct_conn_angle.ptnr2_auth_comp_id 
_pdbx_struct_conn_angle.ptnr2_auth_seq_id 
_pdbx_struct_conn_angle.ptnr2_PDB_ins_code 
_pdbx_struct_conn_angle.ptnr2_symmetry 
_pdbx_struct_conn_angle.ptnr3_label_atom_id 
_pdbx_struct_conn_angle.ptnr3_label_alt_id 
_pdbx_struct_conn_angle.ptnr3_label_asym_id 
_pdbx_struct_conn_angle.ptnr3_label_comp_id 
_pdbx_struct_conn_angle.ptnr3_label_seq_id 
_pdbx_struct_conn_angle.ptnr3_auth_atom_id 
_pdbx_struct_conn_angle.ptnr3_auth_asym_id 
_pdbx_struct_conn_angle.ptnr3_auth_comp_id 
_pdbx_struct_conn_angle.ptnr3_auth_seq_id 
_pdbx_struct_conn_angle.ptnr3_PDB_ins_code 
_pdbx_struct_conn_angle.ptnr3_symmetry 
_pdbx_struct_conn_angle.value 
_pdbx_struct_conn_angle.value_esd 
1  SG  ? A CYS 17 ? A CYS 152 ? 1_555 ZN ? B ZN . ? A ZN 1 ? 1_555 SG  ? A CYS 20 ? A CYS 155 ? 1_555 102.4 ? 
2  SG  ? A CYS 17 ? A CYS 152 ? 1_555 ZN ? B ZN . ? A ZN 1 ? 1_555 ND1 ? A HIS 38 ? A HIS 173 ? 1_555 93.9  ? 
3  SG  ? A CYS 20 ? A CYS 155 ? 1_555 ZN ? B ZN . ? A ZN 1 ? 1_555 ND1 ? A HIS 38 ? A HIS 173 ? 1_555 83.5  ? 
4  SG  ? A CYS 17 ? A CYS 152 ? 1_555 ZN ? B ZN . ? A ZN 1 ? 1_555 SG  ? A CYS 41 ? A CYS 176 ? 1_555 97.5  ? 
5  SG  ? A CYS 20 ? A CYS 155 ? 1_555 ZN ? B ZN . ? A ZN 1 ? 1_555 SG  ? A CYS 41 ? A CYS 176 ? 1_555 122.3 ? 
6  ND1 ? A HIS 38 ? A HIS 173 ? 1_555 ZN ? B ZN . ? A ZN 1 ? 1_555 SG  ? A CYS 41 ? A CYS 176 ? 1_555 148.2 ? 
7  ND1 ? A HIS 4  ? A HIS 139 ? 1_555 ZN ? C ZN . ? A ZN 2 ? 1_555 SG  ? A CYS 30 ? A CYS 165 ? 1_555 99.9  ? 
8  ND1 ? A HIS 4  ? A HIS 139 ? 1_555 ZN ? C ZN . ? A ZN 2 ? 1_555 SG  ? A CYS 33 ? A CYS 168 ? 1_555 170.4 ? 
9  SG  ? A CYS 30 ? A CYS 165 ? 1_555 ZN ? C ZN . ? A ZN 2 ? 1_555 SG  ? A CYS 33 ? A CYS 168 ? 1_555 87.5  ? 
10 ND1 ? A HIS 4  ? A HIS 139 ? 1_555 ZN ? C ZN . ? A ZN 2 ? 1_555 SG  ? A CYS 49 ? A CYS 184 ? 1_555 88.3  ? 
11 SG  ? A CYS 30 ? A CYS 165 ? 1_555 ZN ? C ZN . ? A ZN 2 ? 1_555 SG  ? A CYS 49 ? A CYS 184 ? 1_555 156.8 ? 
12 SG  ? A CYS 33 ? A CYS 168 ? 1_555 ZN ? C ZN . ? A ZN 2 ? 1_555 SG  ? A CYS 49 ? A CYS 184 ? 1_555 87.1  ? 
# 
_struct_sheet.id               A 
_struct_sheet.type             ? 
_struct_sheet.number_strands   3 
_struct_sheet.details          ? 
# 
loop_
_struct_sheet_order.sheet_id 
_struct_sheet_order.range_id_1 
_struct_sheet_order.range_id_2 
_struct_sheet_order.offset 
_struct_sheet_order.sense 
A 1 2 ? anti-parallel 
A 2 3 ? anti-parallel 
# 
loop_
_struct_sheet_range.sheet_id 
_struct_sheet_range.id 
_struct_sheet_range.beg_label_comp_id 
_struct_sheet_range.beg_label_asym_id 
_struct_sheet_range.beg_label_seq_id 
_struct_sheet_range.pdbx_beg_PDB_ins_code 
_struct_sheet_range.end_label_comp_id 
_struct_sheet_range.end_label_asym_id 
_struct_sheet_range.end_label_seq_id 
_struct_sheet_range.pdbx_end_PDB_ins_code 
_struct_sheet_range.beg_auth_comp_id 
_struct_sheet_range.beg_auth_asym_id 
_struct_sheet_range.beg_auth_seq_id 
_struct_sheet_range.end_auth_comp_id 
_struct_sheet_range.end_auth_asym_id 
_struct_sheet_range.end_auth_seq_id 
A 1 ALA A 7  ? LYS A 9  ? ALA A 142 LYS A 144 
A 2 GLY A 27 ? CYS A 30 ? GLY A 162 CYS A 165 
A 3 TYR A 35 ? PHE A 37 ? TYR A 170 PHE A 172 
# 
loop_
_pdbx_struct_sheet_hbond.sheet_id 
_pdbx_struct_sheet_hbond.range_id_1 
_pdbx_struct_sheet_hbond.range_id_2 
_pdbx_struct_sheet_hbond.range_1_label_atom_id 
_pdbx_struct_sheet_hbond.range_1_label_comp_id 
_pdbx_struct_sheet_hbond.range_1_label_asym_id 
_pdbx_struct_sheet_hbond.range_1_label_seq_id 
_pdbx_struct_sheet_hbond.range_1_PDB_ins_code 
_pdbx_struct_sheet_hbond.range_1_auth_atom_id 
_pdbx_struct_sheet_hbond.range_1_auth_comp_id 
_pdbx_struct_sheet_hbond.range_1_auth_asym_id 
_pdbx_struct_sheet_hbond.range_1_auth_seq_id 
_pdbx_struct_sheet_hbond.range_2_label_atom_id 
_pdbx_struct_sheet_hbond.range_2_label_comp_id 
_pdbx_struct_sheet_hbond.range_2_label_asym_id 
_pdbx_struct_sheet_hbond.range_2_label_seq_id 
_pdbx_struct_sheet_hbond.range_2_PDB_ins_code 
_pdbx_struct_sheet_hbond.range_2_auth_atom_id 
_pdbx_struct_sheet_hbond.range_2_auth_comp_id 
_pdbx_struct_sheet_hbond.range_2_auth_asym_id 
_pdbx_struct_sheet_hbond.range_2_auth_seq_id 
A 1 2 O ALA A 7  ? O ALA A 142 N ARG A 29 ? N ARG A 164 
A 2 3 O PHE A 28 ? O PHE A 163 N PHE A 37 ? N PHE A 172 
# 
loop_
_struct_site.id 
_struct_site.pdbx_evidence_code 
_struct_site.pdbx_auth_asym_id 
_struct_site.pdbx_auth_comp_id 
_struct_site.pdbx_auth_seq_id 
_struct_site.pdbx_auth_ins_code 
_struct_site.pdbx_num_residues 
_struct_site.details 
ZN1 Unknown  ? ?  ? ? 4 'ZINC-COORDINATION RESIDUES.'     
ZN2 Unknown  ? ?  ? ? 4 'ZINC-COORDINATION RESIDUES.'     
AC1 Software A ZN 1 ? 4 'BINDING SITE FOR RESIDUE ZN A 1' 
AC2 Software A ZN 2 ? 5 'BINDING SITE FOR RESIDUE ZN A 2' 
# 
loop_
_struct_site_gen.id 
_struct_site_gen.site_id 
_struct_site_gen.pdbx_num_res 
_struct_site_gen.label_comp_id 
_struct_site_gen.label_asym_id 
_struct_site_gen.label_seq_id 
_struct_site_gen.pdbx_auth_ins_code 
_struct_site_gen.auth_comp_id 
_struct_site_gen.auth_asym_id 
_struct_site_gen.auth_seq_id 
_struct_site_gen.label_atom_id 
_struct_site_gen.label_alt_id 
_struct_site_gen.symmetry 
_struct_site_gen.details 
1  ZN1 4 CYS A 17 ? CYS A 152 . ? 1_555 ? 
2  ZN1 4 CYS A 20 ? CYS A 155 . ? 1_555 ? 
3  ZN1 4 HIS A 38 ? HIS A 173 . ? 1_555 ? 
4  ZN1 4 CYS A 41 ? CYS A 176 . ? 1_555 ? 
5  ZN2 4 HIS A 4  ? HIS A 139 . ? 1_555 ? 
6  ZN2 4 CYS A 30 ? CYS A 165 . ? 1_555 ? 
7  ZN2 4 CYS A 33 ? CYS A 168 . ? 1_555 ? 
8  ZN2 4 CYS A 49 ? CYS A 184 . ? 1_555 ? 
9  AC1 4 CYS A 17 ? CYS A 152 . ? 1_555 ? 
10 AC1 4 CYS A 20 ? CYS A 155 . ? 1_555 ? 
11 AC1 4 HIS A 38 ? HIS A 173 . ? 1_555 ? 
12 AC1 4 CYS A 41 ? CYS A 176 . ? 1_555 ? 
13 AC2 5 HIS A 4  ? HIS A 139 . ? 1_555 ? 
14 AC2 5 CYS A 30 ? CYS A 165 . ? 1_555 ? 
15 AC2 5 CYS A 33 ? CYS A 168 . ? 1_555 ? 
16 AC2 5 TYR A 35 ? TYR A 170 . ? 1_555 ? 
17 AC2 5 CYS A 49 ? CYS A 184 . ? 1_555 ? 
# 
loop_
_pdbx_validate_rmsd_angle.id 
_pdbx_validate_rmsd_angle.PDB_model_num 
_pdbx_validate_rmsd_angle.auth_atom_id_1 
_pdbx_validate_rmsd_angle.auth_asym_id_1 
_pdbx_validate_rmsd_angle.auth_comp_id_1 
_pdbx_validate_rmsd_angle.auth_seq_id_1 
_pdbx_validate_rmsd_angle.PDB_ins_code_1 
_pdbx_validate_rmsd_angle.label_alt_id_1 
_pdbx_validate_rmsd_angle.auth_atom_id_2 
_pdbx_validate_rmsd_angle.auth_asym_id_2 
_pdbx_validate_rmsd_angle.auth_comp_id_2 
_pdbx_validate_rmsd_angle.auth_seq_id_2 
_pdbx_validate_rmsd_angle.PDB_ins_code_2 
_pdbx_validate_rmsd_angle.label_alt_id_2 
_pdbx_validate_rmsd_angle.auth_atom_id_3 
_pdbx_validate_rmsd_angle.auth_asym_id_3 
_pdbx_validate_rmsd_angle.auth_comp_id_3 
_pdbx_validate_rmsd_angle.auth_seq_id_3 
_pdbx_validate_rmsd_angle.PDB_ins_code_3 
_pdbx_validate_rmsd_angle.label_alt_id_3 
_pdbx_validate_rmsd_angle.angle_value 
_pdbx_validate_rmsd_angle.angle_target_value 
_pdbx_validate_rmsd_angle.angle_deviation 
_pdbx_validate_rmsd_angle.angle_standard_deviation 
_pdbx_validate_rmsd_angle.linker_flag 
1 1 CB  A TYR 170 ? ? CG  A TYR 170 ? ? CD2 A TYR 170 ? ? 137.20 121.00 16.20  0.60 N 
2 1 CD1 A TYR 170 ? ? CG  A TYR 170 ? ? CD2 A TYR 170 ? ? 52.31  117.90 -65.59 1.10 N 
3 1 CB  A TYR 170 ? ? CG  A TYR 170 ? ? CD1 A TYR 170 ? ? 110.88 121.00 -10.12 0.60 N 
4 1 CG  A TYR 170 ? ? CD1 A TYR 170 ? ? CE1 A TYR 170 ? ? 73.21  121.30 -48.09 0.80 N 
5 1 CG  A TYR 170 ? ? CD2 A TYR 170 ? ? CE2 A TYR 170 ? ? 75.10  121.30 -46.20 0.80 N 
6 1 CD1 A TYR 170 ? ? CE1 A TYR 170 ? ? CZ  A TYR 170 ? ? 75.33  119.80 -44.47 0.90 N 
7 1 CE1 A TYR 170 ? ? CZ  A TYR 170 ? ? OH  A TYR 170 ? ? 136.99 120.10 16.89  2.70 N 
8 1 CE1 A TYR 170 ? ? CZ  A TYR 170 ? ? CE2 A TYR 170 ? ? 51.28  119.80 -68.52 1.60 N 
9 1 CZ  A TYR 170 ? ? CE2 A TYR 170 ? ? CD2 A TYR 170 ? ? 72.90  119.80 -46.90 0.90 N 
# 
loop_
_pdbx_validate_torsion.id 
_pdbx_validate_torsion.PDB_model_num 
_pdbx_validate_torsion.auth_comp_id 
_pdbx_validate_torsion.auth_asym_id 
_pdbx_validate_torsion.auth_seq_id 
_pdbx_validate_torsion.PDB_ins_code 
_pdbx_validate_torsion.label_alt_id 
_pdbx_validate_torsion.phi 
_pdbx_validate_torsion.psi 
1  1 THR A 138 ? ? -70.05  -161.83 
2  1 ARG A 143 ? ? -56.39  109.76  
3  1 LYS A 148 ? ? -117.25 -81.62  
4  1 CYS A 155 ? ? -88.61  -84.51  
5  1 GLN A 156 ? ? 166.01  -17.27  
6  1 PHE A 158 ? ? -42.68  172.21  
7  1 LEU A 160 ? ? -118.92 -169.33 
8  1 ASN A 161 ? ? -54.88  99.25   
9  1 HIS A 173 ? ? -94.18  -158.20 
10 1 PRO A 181 ? ? -74.76  -87.65  
11 1 MET A 183 ? ? -58.83  175.50  
# 
loop_
_pdbx_validate_planes.id 
_pdbx_validate_planes.PDB_model_num 
_pdbx_validate_planes.auth_comp_id 
_pdbx_validate_planes.auth_asym_id 
_pdbx_validate_planes.auth_seq_id 
_pdbx_validate_planes.PDB_ins_code 
_pdbx_validate_planes.label_alt_id 
_pdbx_validate_planes.rmsd 
_pdbx_validate_planes.type 
1 1 ARG A 143 ? ? 0.229 'SIDE CHAIN' 
2 1 ARG A 164 ? ? 0.312 'SIDE CHAIN' 
3 1 TYR A 170 ? ? 0.454 'SIDE CHAIN' 
# 
_pdbx_nmr_ensemble.entry_id                             1FAR 
_pdbx_nmr_ensemble.conformers_calculated_total_number   ? 
_pdbx_nmr_ensemble.conformers_submitted_total_number    1 
_pdbx_nmr_ensemble.conformer_selection_criteria         ? 
# 
_pdbx_nmr_software.classification   refinement 
_pdbx_nmr_software.name             X-PLOR 
_pdbx_nmr_software.version          ? 
_pdbx_nmr_software.authors          BRUNGER 
_pdbx_nmr_software.ordinal          1 
# 
loop_
_chem_comp_atom.comp_id 
_chem_comp_atom.atom_id 
_chem_comp_atom.type_symbol 
_chem_comp_atom.pdbx_aromatic_flag 
_chem_comp_atom.pdbx_stereo_config 
_chem_comp_atom.pdbx_ordinal 
ALA N    N  N N 1   
ALA CA   C  N S 2   
ALA C    C  N N 3   
ALA O    O  N N 4   
ALA CB   C  N N 5   
ALA OXT  O  N N 6   
ALA H    H  N N 7   
ALA H2   H  N N 8   
ALA HA   H  N N 9   
ALA HB1  H  N N 10  
ALA HB2  H  N N 11  
ALA HB3  H  N N 12  
ALA HXT  H  N N 13  
ARG N    N  N N 14  
ARG CA   C  N S 15  
ARG C    C  N N 16  
ARG O    O  N N 17  
ARG CB   C  N N 18  
ARG CG   C  N N 19  
ARG CD   C  N N 20  
ARG NE   N  N N 21  
ARG CZ   C  N N 22  
ARG NH1  N  N N 23  
ARG NH2  N  N N 24  
ARG OXT  O  N N 25  
ARG H    H  N N 26  
ARG H2   H  N N 27  
ARG HA   H  N N 28  
ARG HB2  H  N N 29  
ARG HB3  H  N N 30  
ARG HG2  H  N N 31  
ARG HG3  H  N N 32  
ARG HD2  H  N N 33  
ARG HD3  H  N N 34  
ARG HE   H  N N 35  
ARG HH11 H  N N 36  
ARG HH12 H  N N 37  
ARG HH21 H  N N 38  
ARG HH22 H  N N 39  
ARG HXT  H  N N 40  
ASN N    N  N N 41  
ASN CA   C  N S 42  
ASN C    C  N N 43  
ASN O    O  N N 44  
ASN CB   C  N N 45  
ASN CG   C  N N 46  
ASN OD1  O  N N 47  
ASN ND2  N  N N 48  
ASN OXT  O  N N 49  
ASN H    H  N N 50  
ASN H2   H  N N 51  
ASN HA   H  N N 52  
ASN HB2  H  N N 53  
ASN HB3  H  N N 54  
ASN HD21 H  N N 55  
ASN HD22 H  N N 56  
ASN HXT  H  N N 57  
ASP N    N  N N 58  
ASP CA   C  N S 59  
ASP C    C  N N 60  
ASP O    O  N N 61  
ASP CB   C  N N 62  
ASP CG   C  N N 63  
ASP OD1  O  N N 64  
ASP OD2  O  N N 65  
ASP OXT  O  N N 66  
ASP H    H  N N 67  
ASP H2   H  N N 68  
ASP HA   H  N N 69  
ASP HB2  H  N N 70  
ASP HB3  H  N N 71  
ASP HD2  H  N N 72  
ASP HXT  H  N N 73  
CYS N    N  N N 74  
CYS CA   C  N R 75  
CYS C    C  N N 76  
CYS O    O  N N 77  
CYS CB   C  N N 78  
CYS SG   S  N N 79  
CYS OXT  O  N N 80  
CYS H    H  N N 81  
CYS H2   H  N N 82  
CYS HA   H  N N 83  
CYS HB2  H  N N 84  
CYS HB3  H  N N 85  
CYS HG   H  N N 86  
CYS HXT  H  N N 87  
GLN N    N  N N 88  
GLN CA   C  N S 89  
GLN C    C  N N 90  
GLN O    O  N N 91  
GLN CB   C  N N 92  
GLN CG   C  N N 93  
GLN CD   C  N N 94  
GLN OE1  O  N N 95  
GLN NE2  N  N N 96  
GLN OXT  O  N N 97  
GLN H    H  N N 98  
GLN H2   H  N N 99  
GLN HA   H  N N 100 
GLN HB2  H  N N 101 
GLN HB3  H  N N 102 
GLN HG2  H  N N 103 
GLN HG3  H  N N 104 
GLN HE21 H  N N 105 
GLN HE22 H  N N 106 
GLN HXT  H  N N 107 
GLU N    N  N N 108 
GLU CA   C  N S 109 
GLU C    C  N N 110 
GLU O    O  N N 111 
GLU CB   C  N N 112 
GLU CG   C  N N 113 
GLU CD   C  N N 114 
GLU OE1  O  N N 115 
GLU OE2  O  N N 116 
GLU OXT  O  N N 117 
GLU H    H  N N 118 
GLU H2   H  N N 119 
GLU HA   H  N N 120 
GLU HB2  H  N N 121 
GLU HB3  H  N N 122 
GLU HG2  H  N N 123 
GLU HG3  H  N N 124 
GLU HE2  H  N N 125 
GLU HXT  H  N N 126 
GLY N    N  N N 127 
GLY CA   C  N N 128 
GLY C    C  N N 129 
GLY O    O  N N 130 
GLY OXT  O  N N 131 
GLY H    H  N N 132 
GLY H2   H  N N 133 
GLY HA2  H  N N 134 
GLY HA3  H  N N 135 
GLY HXT  H  N N 136 
HIS N    N  N N 137 
HIS CA   C  N S 138 
HIS C    C  N N 139 
HIS O    O  N N 140 
HIS CB   C  N N 141 
HIS CG   C  Y N 142 
HIS ND1  N  Y N 143 
HIS CD2  C  Y N 144 
HIS CE1  C  Y N 145 
HIS NE2  N  Y N 146 
HIS OXT  O  N N 147 
HIS H    H  N N 148 
HIS H2   H  N N 149 
HIS HA   H  N N 150 
HIS HB2  H  N N 151 
HIS HB3  H  N N 152 
HIS HD1  H  N N 153 
HIS HD2  H  N N 154 
HIS HE1  H  N N 155 
HIS HE2  H  N N 156 
HIS HXT  H  N N 157 
ILE N    N  N N 158 
ILE CA   C  N S 159 
ILE C    C  N N 160 
ILE O    O  N N 161 
ILE CB   C  N S 162 
ILE CG1  C  N N 163 
ILE CG2  C  N N 164 
ILE CD1  C  N N 165 
ILE OXT  O  N N 166 
ILE H    H  N N 167 
ILE H2   H  N N 168 
ILE HA   H  N N 169 
ILE HB   H  N N 170 
ILE HG12 H  N N 171 
ILE HG13 H  N N 172 
ILE HG21 H  N N 173 
ILE HG22 H  N N 174 
ILE HG23 H  N N 175 
ILE HD11 H  N N 176 
ILE HD12 H  N N 177 
ILE HD13 H  N N 178 
ILE HXT  H  N N 179 
LEU N    N  N N 180 
LEU CA   C  N S 181 
LEU C    C  N N 182 
LEU O    O  N N 183 
LEU CB   C  N N 184 
LEU CG   C  N N 185 
LEU CD1  C  N N 186 
LEU CD2  C  N N 187 
LEU OXT  O  N N 188 
LEU H    H  N N 189 
LEU H2   H  N N 190 
LEU HA   H  N N 191 
LEU HB2  H  N N 192 
LEU HB3  H  N N 193 
LEU HG   H  N N 194 
LEU HD11 H  N N 195 
LEU HD12 H  N N 196 
LEU HD13 H  N N 197 
LEU HD21 H  N N 198 
LEU HD22 H  N N 199 
LEU HD23 H  N N 200 
LEU HXT  H  N N 201 
LYS N    N  N N 202 
LYS CA   C  N S 203 
LYS C    C  N N 204 
LYS O    O  N N 205 
LYS CB   C  N N 206 
LYS CG   C  N N 207 
LYS CD   C  N N 208 
LYS CE   C  N N 209 
LYS NZ   N  N N 210 
LYS OXT  O  N N 211 
LYS H    H  N N 212 
LYS H2   H  N N 213 
LYS HA   H  N N 214 
LYS HB2  H  N N 215 
LYS HB3  H  N N 216 
LYS HG2  H  N N 217 
LYS HG3  H  N N 218 
LYS HD2  H  N N 219 
LYS HD3  H  N N 220 
LYS HE2  H  N N 221 
LYS HE3  H  N N 222 
LYS HZ1  H  N N 223 
LYS HZ2  H  N N 224 
LYS HZ3  H  N N 225 
LYS HXT  H  N N 226 
MET N    N  N N 227 
MET CA   C  N S 228 
MET C    C  N N 229 
MET O    O  N N 230 
MET CB   C  N N 231 
MET CG   C  N N 232 
MET SD   S  N N 233 
MET CE   C  N N 234 
MET OXT  O  N N 235 
MET H    H  N N 236 
MET H2   H  N N 237 
MET HA   H  N N 238 
MET HB2  H  N N 239 
MET HB3  H  N N 240 
MET HG2  H  N N 241 
MET HG3  H  N N 242 
MET HE1  H  N N 243 
MET HE2  H  N N 244 
MET HE3  H  N N 245 
MET HXT  H  N N 246 
PHE N    N  N N 247 
PHE CA   C  N S 248 
PHE C    C  N N 249 
PHE O    O  N N 250 
PHE CB   C  N N 251 
PHE CG   C  Y N 252 
PHE CD1  C  Y N 253 
PHE CD2  C  Y N 254 
PHE CE1  C  Y N 255 
PHE CE2  C  Y N 256 
PHE CZ   C  Y N 257 
PHE OXT  O  N N 258 
PHE H    H  N N 259 
PHE H2   H  N N 260 
PHE HA   H  N N 261 
PHE HB2  H  N N 262 
PHE HB3  H  N N 263 
PHE HD1  H  N N 264 
PHE HD2  H  N N 265 
PHE HE1  H  N N 266 
PHE HE2  H  N N 267 
PHE HZ   H  N N 268 
PHE HXT  H  N N 269 
PRO N    N  N N 270 
PRO CA   C  N S 271 
PRO C    C  N N 272 
PRO O    O  N N 273 
PRO CB   C  N N 274 
PRO CG   C  N N 275 
PRO CD   C  N N 276 
PRO OXT  O  N N 277 
PRO H    H  N N 278 
PRO HA   H  N N 279 
PRO HB2  H  N N 280 
PRO HB3  H  N N 281 
PRO HG2  H  N N 282 
PRO HG3  H  N N 283 
PRO HD2  H  N N 284 
PRO HD3  H  N N 285 
PRO HXT  H  N N 286 
SER N    N  N N 287 
SER CA   C  N S 288 
SER C    C  N N 289 
SER O    O  N N 290 
SER CB   C  N N 291 
SER OG   O  N N 292 
SER OXT  O  N N 293 
SER H    H  N N 294 
SER H2   H  N N 295 
SER HA   H  N N 296 
SER HB2  H  N N 297 
SER HB3  H  N N 298 
SER HG   H  N N 299 
SER HXT  H  N N 300 
THR N    N  N N 301 
THR CA   C  N S 302 
THR C    C  N N 303 
THR O    O  N N 304 
THR CB   C  N R 305 
THR OG1  O  N N 306 
THR CG2  C  N N 307 
THR OXT  O  N N 308 
THR H    H  N N 309 
THR H2   H  N N 310 
THR HA   H  N N 311 
THR HB   H  N N 312 
THR HG1  H  N N 313 
THR HG21 H  N N 314 
THR HG22 H  N N 315 
THR HG23 H  N N 316 
THR HXT  H  N N 317 
TRP N    N  N N 318 
TRP CA   C  N S 319 
TRP C    C  N N 320 
TRP O    O  N N 321 
TRP CB   C  N N 322 
TRP CG   C  Y N 323 
TRP CD1  C  Y N 324 
TRP CD2  C  Y N 325 
TRP NE1  N  Y N 326 
TRP CE2  C  Y N 327 
TRP CE3  C  Y N 328 
TRP CZ2  C  Y N 329 
TRP CZ3  C  Y N 330 
TRP CH2  C  Y N 331 
TRP OXT  O  N N 332 
TRP H    H  N N 333 
TRP H2   H  N N 334 
TRP HA   H  N N 335 
TRP HB2  H  N N 336 
TRP HB3  H  N N 337 
TRP HD1  H  N N 338 
TRP HE1  H  N N 339 
TRP HE3  H  N N 340 
TRP HZ2  H  N N 341 
TRP HZ3  H  N N 342 
TRP HH2  H  N N 343 
TRP HXT  H  N N 344 
TYR N    N  N N 345 
TYR CA   C  N S 346 
TYR C    C  N N 347 
TYR O    O  N N 348 
TYR CB   C  N N 349 
TYR CG   C  Y N 350 
TYR CD1  C  Y N 351 
TYR CD2  C  Y N 352 
TYR CE1  C  Y N 353 
TYR CE2  C  Y N 354 
TYR CZ   C  Y N 355 
TYR OH   O  N N 356 
TYR OXT  O  N N 357 
TYR H    H  N N 358 
TYR H2   H  N N 359 
TYR HA   H  N N 360 
TYR HB2  H  N N 361 
TYR HB3  H  N N 362 
TYR HD1  H  N N 363 
TYR HD2  H  N N 364 
TYR HE1  H  N N 365 
TYR HE2  H  N N 366 
TYR HH   H  N N 367 
TYR HXT  H  N N 368 
VAL N    N  N N 369 
VAL CA   C  N S 370 
VAL C    C  N N 371 
VAL O    O  N N 372 
VAL CB   C  N N 373 
VAL CG1  C  N N 374 
VAL CG2  C  N N 375 
VAL OXT  O  N N 376 
VAL H    H  N N 377 
VAL H2   H  N N 378 
VAL HA   H  N N 379 
VAL HB   H  N N 380 
VAL HG11 H  N N 381 
VAL HG12 H  N N 382 
VAL HG13 H  N N 383 
VAL HG21 H  N N 384 
VAL HG22 H  N N 385 
VAL HG23 H  N N 386 
VAL HXT  H  N N 387 
ZN  ZN   ZN N N 388 
# 
loop_
_chem_comp_bond.comp_id 
_chem_comp_bond.atom_id_1 
_chem_comp_bond.atom_id_2 
_chem_comp_bond.value_order 
_chem_comp_bond.pdbx_aromatic_flag 
_chem_comp_bond.pdbx_stereo_config 
_chem_comp_bond.pdbx_ordinal 
ALA N   CA   sing N N 1   
ALA N   H    sing N N 2   
ALA N   H2   sing N N 3   
ALA CA  C    sing N N 4   
ALA CA  CB   sing N N 5   
ALA CA  HA   sing N N 6   
ALA C   O    doub N N 7   
ALA C   OXT  sing N N 8   
ALA CB  HB1  sing N N 9   
ALA CB  HB2  sing N N 10  
ALA CB  HB3  sing N N 11  
ALA OXT HXT  sing N N 12  
ARG N   CA   sing N N 13  
ARG N   H    sing N N 14  
ARG N   H2   sing N N 15  
ARG CA  C    sing N N 16  
ARG CA  CB   sing N N 17  
ARG CA  HA   sing N N 18  
ARG C   O    doub N N 19  
ARG C   OXT  sing N N 20  
ARG CB  CG   sing N N 21  
ARG CB  HB2  sing N N 22  
ARG CB  HB3  sing N N 23  
ARG CG  CD   sing N N 24  
ARG CG  HG2  sing N N 25  
ARG CG  HG3  sing N N 26  
ARG CD  NE   sing N N 27  
ARG CD  HD2  sing N N 28  
ARG CD  HD3  sing N N 29  
ARG NE  CZ   sing N N 30  
ARG NE  HE   sing N N 31  
ARG CZ  NH1  sing N N 32  
ARG CZ  NH2  doub N N 33  
ARG NH1 HH11 sing N N 34  
ARG NH1 HH12 sing N N 35  
ARG NH2 HH21 sing N N 36  
ARG NH2 HH22 sing N N 37  
ARG OXT HXT  sing N N 38  
ASN N   CA   sing N N 39  
ASN N   H    sing N N 40  
ASN N   H2   sing N N 41  
ASN CA  C    sing N N 42  
ASN CA  CB   sing N N 43  
ASN CA  HA   sing N N 44  
ASN C   O    doub N N 45  
ASN C   OXT  sing N N 46  
ASN CB  CG   sing N N 47  
ASN CB  HB2  sing N N 48  
ASN CB  HB3  sing N N 49  
ASN CG  OD1  doub N N 50  
ASN CG  ND2  sing N N 51  
ASN ND2 HD21 sing N N 52  
ASN ND2 HD22 sing N N 53  
ASN OXT HXT  sing N N 54  
ASP N   CA   sing N N 55  
ASP N   H    sing N N 56  
ASP N   H2   sing N N 57  
ASP CA  C    sing N N 58  
ASP CA  CB   sing N N 59  
ASP CA  HA   sing N N 60  
ASP C   O    doub N N 61  
ASP C   OXT  sing N N 62  
ASP CB  CG   sing N N 63  
ASP CB  HB2  sing N N 64  
ASP CB  HB3  sing N N 65  
ASP CG  OD1  doub N N 66  
ASP CG  OD2  sing N N 67  
ASP OD2 HD2  sing N N 68  
ASP OXT HXT  sing N N 69  
CYS N   CA   sing N N 70  
CYS N   H    sing N N 71  
CYS N   H2   sing N N 72  
CYS CA  C    sing N N 73  
CYS CA  CB   sing N N 74  
CYS CA  HA   sing N N 75  
CYS C   O    doub N N 76  
CYS C   OXT  sing N N 77  
CYS CB  SG   sing N N 78  
CYS CB  HB2  sing N N 79  
CYS CB  HB3  sing N N 80  
CYS SG  HG   sing N N 81  
CYS OXT HXT  sing N N 82  
GLN N   CA   sing N N 83  
GLN N   H    sing N N 84  
GLN N   H2   sing N N 85  
GLN CA  C    sing N N 86  
GLN CA  CB   sing N N 87  
GLN CA  HA   sing N N 88  
GLN C   O    doub N N 89  
GLN C   OXT  sing N N 90  
GLN CB  CG   sing N N 91  
GLN CB  HB2  sing N N 92  
GLN CB  HB3  sing N N 93  
GLN CG  CD   sing N N 94  
GLN CG  HG2  sing N N 95  
GLN CG  HG3  sing N N 96  
GLN CD  OE1  doub N N 97  
GLN CD  NE2  sing N N 98  
GLN NE2 HE21 sing N N 99  
GLN NE2 HE22 sing N N 100 
GLN OXT HXT  sing N N 101 
GLU N   CA   sing N N 102 
GLU N   H    sing N N 103 
GLU N   H2   sing N N 104 
GLU CA  C    sing N N 105 
GLU CA  CB   sing N N 106 
GLU CA  HA   sing N N 107 
GLU C   O    doub N N 108 
GLU C   OXT  sing N N 109 
GLU CB  CG   sing N N 110 
GLU CB  HB2  sing N N 111 
GLU CB  HB3  sing N N 112 
GLU CG  CD   sing N N 113 
GLU CG  HG2  sing N N 114 
GLU CG  HG3  sing N N 115 
GLU CD  OE1  doub N N 116 
GLU CD  OE2  sing N N 117 
GLU OE2 HE2  sing N N 118 
GLU OXT HXT  sing N N 119 
GLY N   CA   sing N N 120 
GLY N   H    sing N N 121 
GLY N   H2   sing N N 122 
GLY CA  C    sing N N 123 
GLY CA  HA2  sing N N 124 
GLY CA  HA3  sing N N 125 
GLY C   O    doub N N 126 
GLY C   OXT  sing N N 127 
GLY OXT HXT  sing N N 128 
HIS N   CA   sing N N 129 
HIS N   H    sing N N 130 
HIS N   H2   sing N N 131 
HIS CA  C    sing N N 132 
HIS CA  CB   sing N N 133 
HIS CA  HA   sing N N 134 
HIS C   O    doub N N 135 
HIS C   OXT  sing N N 136 
HIS CB  CG   sing N N 137 
HIS CB  HB2  sing N N 138 
HIS CB  HB3  sing N N 139 
HIS CG  ND1  sing Y N 140 
HIS CG  CD2  doub Y N 141 
HIS ND1 CE1  doub Y N 142 
HIS ND1 HD1  sing N N 143 
HIS CD2 NE2  sing Y N 144 
HIS CD2 HD2  sing N N 145 
HIS CE1 NE2  sing Y N 146 
HIS CE1 HE1  sing N N 147 
HIS NE2 HE2  sing N N 148 
HIS OXT HXT  sing N N 149 
ILE N   CA   sing N N 150 
ILE N   H    sing N N 151 
ILE N   H2   sing N N 152 
ILE CA  C    sing N N 153 
ILE CA  CB   sing N N 154 
ILE CA  HA   sing N N 155 
ILE C   O    doub N N 156 
ILE C   OXT  sing N N 157 
ILE CB  CG1  sing N N 158 
ILE CB  CG2  sing N N 159 
ILE CB  HB   sing N N 160 
ILE CG1 CD1  sing N N 161 
ILE CG1 HG12 sing N N 162 
ILE CG1 HG13 sing N N 163 
ILE CG2 HG21 sing N N 164 
ILE CG2 HG22 sing N N 165 
ILE CG2 HG23 sing N N 166 
ILE CD1 HD11 sing N N 167 
ILE CD1 HD12 sing N N 168 
ILE CD1 HD13 sing N N 169 
ILE OXT HXT  sing N N 170 
LEU N   CA   sing N N 171 
LEU N   H    sing N N 172 
LEU N   H2   sing N N 173 
LEU CA  C    sing N N 174 
LEU CA  CB   sing N N 175 
LEU CA  HA   sing N N 176 
LEU C   O    doub N N 177 
LEU C   OXT  sing N N 178 
LEU CB  CG   sing N N 179 
LEU CB  HB2  sing N N 180 
LEU CB  HB3  sing N N 181 
LEU CG  CD1  sing N N 182 
LEU CG  CD2  sing N N 183 
LEU CG  HG   sing N N 184 
LEU CD1 HD11 sing N N 185 
LEU CD1 HD12 sing N N 186 
LEU CD1 HD13 sing N N 187 
LEU CD2 HD21 sing N N 188 
LEU CD2 HD22 sing N N 189 
LEU CD2 HD23 sing N N 190 
LEU OXT HXT  sing N N 191 
LYS N   CA   sing N N 192 
LYS N   H    sing N N 193 
LYS N   H2   sing N N 194 
LYS CA  C    sing N N 195 
LYS CA  CB   sing N N 196 
LYS CA  HA   sing N N 197 
LYS C   O    doub N N 198 
LYS C   OXT  sing N N 199 
LYS CB  CG   sing N N 200 
LYS CB  HB2  sing N N 201 
LYS CB  HB3  sing N N 202 
LYS CG  CD   sing N N 203 
LYS CG  HG2  sing N N 204 
LYS CG  HG3  sing N N 205 
LYS CD  CE   sing N N 206 
LYS CD  HD2  sing N N 207 
LYS CD  HD3  sing N N 208 
LYS CE  NZ   sing N N 209 
LYS CE  HE2  sing N N 210 
LYS CE  HE3  sing N N 211 
LYS NZ  HZ1  sing N N 212 
LYS NZ  HZ2  sing N N 213 
LYS NZ  HZ3  sing N N 214 
LYS OXT HXT  sing N N 215 
MET N   CA   sing N N 216 
MET N   H    sing N N 217 
MET N   H2   sing N N 218 
MET CA  C    sing N N 219 
MET CA  CB   sing N N 220 
MET CA  HA   sing N N 221 
MET C   O    doub N N 222 
MET C   OXT  sing N N 223 
MET CB  CG   sing N N 224 
MET CB  HB2  sing N N 225 
MET CB  HB3  sing N N 226 
MET CG  SD   sing N N 227 
MET CG  HG2  sing N N 228 
MET CG  HG3  sing N N 229 
MET SD  CE   sing N N 230 
MET CE  HE1  sing N N 231 
MET CE  HE2  sing N N 232 
MET CE  HE3  sing N N 233 
MET OXT HXT  sing N N 234 
PHE N   CA   sing N N 235 
PHE N   H    sing N N 236 
PHE N   H2   sing N N 237 
PHE CA  C    sing N N 238 
PHE CA  CB   sing N N 239 
PHE CA  HA   sing N N 240 
PHE C   O    doub N N 241 
PHE C   OXT  sing N N 242 
PHE CB  CG   sing N N 243 
PHE CB  HB2  sing N N 244 
PHE CB  HB3  sing N N 245 
PHE CG  CD1  doub Y N 246 
PHE CG  CD2  sing Y N 247 
PHE CD1 CE1  sing Y N 248 
PHE CD1 HD1  sing N N 249 
PHE CD2 CE2  doub Y N 250 
PHE CD2 HD2  sing N N 251 
PHE CE1 CZ   doub Y N 252 
PHE CE1 HE1  sing N N 253 
PHE CE2 CZ   sing Y N 254 
PHE CE2 HE2  sing N N 255 
PHE CZ  HZ   sing N N 256 
PHE OXT HXT  sing N N 257 
PRO N   CA   sing N N 258 
PRO N   CD   sing N N 259 
PRO N   H    sing N N 260 
PRO CA  C    sing N N 261 
PRO CA  CB   sing N N 262 
PRO CA  HA   sing N N 263 
PRO C   O    doub N N 264 
PRO C   OXT  sing N N 265 
PRO CB  CG   sing N N 266 
PRO CB  HB2  sing N N 267 
PRO CB  HB3  sing N N 268 
PRO CG  CD   sing N N 269 
PRO CG  HG2  sing N N 270 
PRO CG  HG3  sing N N 271 
PRO CD  HD2  sing N N 272 
PRO CD  HD3  sing N N 273 
PRO OXT HXT  sing N N 274 
SER N   CA   sing N N 275 
SER N   H    sing N N 276 
SER N   H2   sing N N 277 
SER CA  C    sing N N 278 
SER CA  CB   sing N N 279 
SER CA  HA   sing N N 280 
SER C   O    doub N N 281 
SER C   OXT  sing N N 282 
SER CB  OG   sing N N 283 
SER CB  HB2  sing N N 284 
SER CB  HB3  sing N N 285 
SER OG  HG   sing N N 286 
SER OXT HXT  sing N N 287 
THR N   CA   sing N N 288 
THR N   H    sing N N 289 
THR N   H2   sing N N 290 
THR CA  C    sing N N 291 
THR CA  CB   sing N N 292 
THR CA  HA   sing N N 293 
THR C   O    doub N N 294 
THR C   OXT  sing N N 295 
THR CB  OG1  sing N N 296 
THR CB  CG2  sing N N 297 
THR CB  HB   sing N N 298 
THR OG1 HG1  sing N N 299 
THR CG2 HG21 sing N N 300 
THR CG2 HG22 sing N N 301 
THR CG2 HG23 sing N N 302 
THR OXT HXT  sing N N 303 
TRP N   CA   sing N N 304 
TRP N   H    sing N N 305 
TRP N   H2   sing N N 306 
TRP CA  C    sing N N 307 
TRP CA  CB   sing N N 308 
TRP CA  HA   sing N N 309 
TRP C   O    doub N N 310 
TRP C   OXT  sing N N 311 
TRP CB  CG   sing N N 312 
TRP CB  HB2  sing N N 313 
TRP CB  HB3  sing N N 314 
TRP CG  CD1  doub Y N 315 
TRP CG  CD2  sing Y N 316 
TRP CD1 NE1  sing Y N 317 
TRP CD1 HD1  sing N N 318 
TRP CD2 CE2  doub Y N 319 
TRP CD2 CE3  sing Y N 320 
TRP NE1 CE2  sing Y N 321 
TRP NE1 HE1  sing N N 322 
TRP CE2 CZ2  sing Y N 323 
TRP CE3 CZ3  doub Y N 324 
TRP CE3 HE3  sing N N 325 
TRP CZ2 CH2  doub Y N 326 
TRP CZ2 HZ2  sing N N 327 
TRP CZ3 CH2  sing Y N 328 
TRP CZ3 HZ3  sing N N 329 
TRP CH2 HH2  sing N N 330 
TRP OXT HXT  sing N N 331 
TYR N   CA   sing N N 332 
TYR N   H    sing N N 333 
TYR N   H2   sing N N 334 
TYR CA  C    sing N N 335 
TYR CA  CB   sing N N 336 
TYR CA  HA   sing N N 337 
TYR C   O    doub N N 338 
TYR C   OXT  sing N N 339 
TYR CB  CG   sing N N 340 
TYR CB  HB2  sing N N 341 
TYR CB  HB3  sing N N 342 
TYR CG  CD1  doub Y N 343 
TYR CG  CD2  sing Y N 344 
TYR CD1 CE1  sing Y N 345 
TYR CD1 HD1  sing N N 346 
TYR CD2 CE2  doub Y N 347 
TYR CD2 HD2  sing N N 348 
TYR CE1 CZ   doub Y N 349 
TYR CE1 HE1  sing N N 350 
TYR CE2 CZ   sing Y N 351 
TYR CE2 HE2  sing N N 352 
TYR CZ  OH   sing N N 353 
TYR OH  HH   sing N N 354 
TYR OXT HXT  sing N N 355 
VAL N   CA   sing N N 356 
VAL N   H    sing N N 357 
VAL N   H2   sing N N 358 
VAL CA  C    sing N N 359 
VAL CA  CB   sing N N 360 
VAL CA  HA   sing N N 361 
VAL C   O    doub N N 362 
VAL C   OXT  sing N N 363 
VAL CB  CG1  sing N N 364 
VAL CB  CG2  sing N N 365 
VAL CB  HB   sing N N 366 
VAL CG1 HG11 sing N N 367 
VAL CG1 HG12 sing N N 368 
VAL CG1 HG13 sing N N 369 
VAL CG2 HG21 sing N N 370 
VAL CG2 HG22 sing N N 371 
VAL CG2 HG23 sing N N 372 
VAL OXT HXT  sing N N 373 
# 
_atom_sites.entry_id                    1FAR 
_atom_sites.fract_transf_matrix[1][1]   1.000000 
_atom_sites.fract_transf_matrix[1][2]   0.000000 
_atom_sites.fract_transf_matrix[1][3]   0.000000 
_atom_sites.fract_transf_matrix[2][1]   0.000000 
_atom_sites.fract_transf_matrix[2][2]   1.000000 
_atom_sites.fract_transf_matrix[2][3]   0.000000 
_atom_sites.fract_transf_matrix[3][1]   0.000000 
_atom_sites.fract_transf_matrix[3][2]   0.000000 
_atom_sites.fract_transf_matrix[3][3]   1.000000 
_atom_sites.fract_transf_vector[1]      0.00000 
_atom_sites.fract_transf_vector[2]      0.00000 
_atom_sites.fract_transf_vector[3]      0.00000 
# 
loop_
_atom_type.symbol 
C  
H  
N  
O  
S  
ZN 
# 
loop_
_atom_site.group_PDB 
_atom_site.id 
_atom_site.type_symbol 
_atom_site.label_atom_id 
_atom_site.label_alt_id 
_atom_site.label_comp_id 
_atom_site.label_asym_id 
_atom_site.label_entity_id 
_atom_site.label_seq_id 
_atom_site.pdbx_PDB_ins_code 
_atom_site.Cartn_x 
_atom_site.Cartn_y 
_atom_site.Cartn_z 
_atom_site.occupancy 
_atom_site.B_iso_or_equiv 
_atom_site.pdbx_formal_charge 
_atom_site.auth_seq_id 
_atom_site.auth_comp_id 
_atom_site.auth_asym_id 
_atom_site.auth_atom_id 
_atom_site.pdbx_PDB_model_num 
ATOM   1   N  N    . LEU A 1 1  ? -8.126  16.071  -5.583  1.00 7.96  ? 136 LEU A N    1 
ATOM   2   C  CA   . LEU A 1 1  ? -7.299  15.091  -6.342  1.00 7.32  ? 136 LEU A CA   1 
ATOM   3   C  C    . LEU A 1 1  ? -7.533  13.686  -5.781  1.00 6.40  ? 136 LEU A C    1 
ATOM   4   O  O    . LEU A 1 1  ? -7.969  13.525  -4.656  1.00 6.61  ? 136 LEU A O    1 
ATOM   5   C  CB   . LEU A 1 1  ? -5.812  15.463  -6.202  1.00 7.84  ? 136 LEU A CB   1 
ATOM   6   C  CG   . LEU A 1 1  ? -5.246  15.945  -7.547  1.00 8.50  ? 136 LEU A CG   1 
ATOM   7   C  CD1  . LEU A 1 1  ? -5.413  14.857  -8.612  1.00 9.25  ? 136 LEU A CD1  1 
ATOM   8   C  CD2  . LEU A 1 1  ? -5.982  17.211  -7.992  1.00 8.63  ? 136 LEU A CD2  1 
ATOM   9   H  H1   . LEU A 1 1  ? -7.933  15.972  -4.566  1.00 8.17  ? 136 LEU A H1   1 
ATOM   10  H  H2   . LEU A 1 1  ? -7.887  17.037  -5.890  1.00 8.30  ? 136 LEU A H2   1 
ATOM   11  H  H3   . LEU A 1 1  ? -9.133  15.888  -5.762  1.00 8.10  ? 136 LEU A H3   1 
ATOM   12  H  HA   . LEU A 1 1  ? -7.581  15.114  -7.385  1.00 7.47  ? 136 LEU A HA   1 
ATOM   13  H  HB2  . LEU A 1 1  ? -5.712  16.253  -5.472  1.00 8.06  ? 136 LEU A HB2  1 
ATOM   14  H  HB3  . LEU A 1 1  ? -5.252  14.599  -5.872  1.00 7.83  ? 136 LEU A HB3  1 
ATOM   15  H  HG   . LEU A 1 1  ? -4.194  16.166  -7.429  1.00 8.66  ? 136 LEU A HG   1 
ATOM   16  H  HD11 . LEU A 1 1  ? -5.240  13.888  -8.167  1.00 9.45  ? 136 LEU A HD11 1 
ATOM   17  H  HD12 . LEU A 1 1  ? -6.415  14.896  -9.014  1.00 9.52  ? 136 LEU A HD12 1 
ATOM   18  H  HD13 . LEU A 1 1  ? -4.701  15.019  -9.407  1.00 9.54  ? 136 LEU A HD13 1 
ATOM   19  H  HD21 . LEU A 1 1  ? -7.040  17.097  -7.807  1.00 8.80  ? 136 LEU A HD21 1 
ATOM   20  H  HD22 . LEU A 1 1  ? -5.610  18.058  -7.433  1.00 8.68  ? 136 LEU A HD22 1 
ATOM   21  H  HD23 . LEU A 1 1  ? -5.815  17.372  -9.046  1.00 8.78  ? 136 LEU A HD23 1 
ATOM   22  N  N    . THR A 1 2  ? -7.236  12.672  -6.553  1.00 5.69  ? 137 THR A N    1 
ATOM   23  C  CA   . THR A 1 2  ? -7.427  11.274  -6.066  1.00 5.10  ? 137 THR A CA   1 
ATOM   24  C  C    . THR A 1 2  ? -6.332  10.953  -5.046  1.00 4.09  ? 137 THR A C    1 
ATOM   25  O  O    . THR A 1 2  ? -5.232  10.574  -5.403  1.00 4.19  ? 137 THR A O    1 
ATOM   26  C  CB   . THR A 1 2  ? -7.332  10.304  -7.246  1.00 5.82  ? 137 THR A CB   1 
ATOM   27  O  OG1  . THR A 1 2  ? -6.098  10.503  -7.919  1.00 6.47  ? 137 THR A OG1  1 
ATOM   28  C  CG2  . THR A 1 2  ? -8.491  10.559  -8.211  1.00 6.17  ? 137 THR A CG2  1 
ATOM   29  H  H    . THR A 1 2  ? -6.881  12.830  -7.452  1.00 5.81  ? 137 THR A H    1 
ATOM   30  H  HA   . THR A 1 2  ? -8.396  11.183  -5.597  1.00 5.29  ? 137 THR A HA   1 
ATOM   31  H  HB   . THR A 1 2  ? -7.387  9.290   -6.884  1.00 6.02  ? 137 THR A HB   1 
ATOM   32  H  HG1  . THR A 1 2  ? -5.986  9.789   -8.552  1.00 6.88  ? 137 THR A HG1  1 
ATOM   33  H  HG21 . THR A 1 2  ? -8.593  11.621  -8.377  1.00 6.21  ? 137 THR A HG21 1 
ATOM   34  H  HG22 . THR A 1 2  ? -8.293  10.063  -9.151  1.00 6.45  ? 137 THR A HG22 1 
ATOM   35  H  HG23 . THR A 1 2  ? -9.405  10.170  -7.787  1.00 6.50  ? 137 THR A HG23 1 
ATOM   36  N  N    . THR A 1 3  ? -6.625  11.114  -3.782  1.00 3.51  ? 138 THR A N    1 
ATOM   37  C  CA   . THR A 1 3  ? -5.606  10.835  -2.727  1.00 2.88  ? 138 THR A CA   1 
ATOM   38  C  C    . THR A 1 3  ? -5.351  9.325   -2.646  1.00 2.23  ? 138 THR A C    1 
ATOM   39  O  O    . THR A 1 3  ? -5.661  8.585   -3.560  1.00 2.70  ? 138 THR A O    1 
ATOM   40  C  CB   . THR A 1 3  ? -6.112  11.351  -1.372  1.00 3.37  ? 138 THR A CB   1 
ATOM   41  O  OG1  . THR A 1 3  ? -7.222  10.569  -0.950  1.00 4.02  ? 138 THR A OG1  1 
ATOM   42  C  CG2  . THR A 1 3  ? -6.536  12.818  -1.495  1.00 3.99  ? 138 THR A CG2  1 
ATOM   43  H  H    . THR A 1 3  ? -7.518  11.428  -3.526  1.00 3.83  ? 138 THR A H    1 
ATOM   44  H  HA   . THR A 1 3  ? -4.685  11.338  -2.981  1.00 3.14  ? 138 THR A HA   1 
ATOM   45  H  HB   . THR A 1 3  ? -5.321  11.276  -0.642  1.00 3.49  ? 138 THR A HB   1 
ATOM   46  H  HG1  . THR A 1 3  ? -7.963  10.768  -1.524  1.00 4.31  ? 138 THR A HG1  1 
ATOM   47  H  HG21 . THR A 1 3  ? -6.698  13.066  -2.533  1.00 4.21  ? 138 THR A HG21 1 
ATOM   48  H  HG22 . THR A 1 3  ? -7.450  12.974  -0.941  1.00 4.25  ? 138 THR A HG22 1 
ATOM   49  H  HG23 . THR A 1 3  ? -5.760  13.449  -1.091  1.00 4.51  ? 138 THR A HG23 1 
ATOM   50  N  N    . HIS A 1 4  ? -4.779  8.868   -1.559  1.00 1.69  ? 139 HIS A N    1 
ATOM   51  C  CA   . HIS A 1 4  ? -4.485  7.412   -1.398  1.00 1.12  ? 139 HIS A CA   1 
ATOM   52  C  C    . HIS A 1 4  ? -5.752  6.576   -1.627  1.00 0.98  ? 139 HIS A C    1 
ATOM   53  O  O    . HIS A 1 4  ? -6.860  7.075   -1.587  1.00 1.12  ? 139 HIS A O    1 
ATOM   54  C  CB   . HIS A 1 4  ? -3.967  7.171   0.024   1.00 1.05  ? 139 HIS A CB   1 
ATOM   55  C  CG   . HIS A 1 4  ? -2.849  6.157   0.018   1.00 1.07  ? 139 HIS A CG   1 
ATOM   56  N  ND1  . HIS A 1 4  ? -2.513  5.388   -1.115  1.00 1.09  ? 139 HIS A ND1  1 
ATOM   57  C  CD2  . HIS A 1 4  ? -1.992  5.757   1.011   1.00 1.39  ? 139 HIS A CD2  1 
ATOM   58  C  CE1  . HIS A 1 4  ? -1.500  4.583   -0.741  1.00 1.45  ? 139 HIS A CE1  1 
ATOM   59  N  NE2  . HIS A 1 4  ? -1.158  4.779   0.538   1.00 1.65  ? 139 HIS A NE2  1 
ATOM   60  H  H    . HIS A 1 4  ? -4.534  9.490   -0.843  1.00 2.13  ? 139 HIS A H    1 
ATOM   61  H  HA   . HIS A 1 4  ? -3.732  7.117   -2.110  1.00 1.33  ? 139 HIS A HA   1 
ATOM   62  H  HB2  . HIS A 1 4  ? -3.601  8.101   0.431   1.00 1.44  ? 139 HIS A HB2  1 
ATOM   63  H  HB3  . HIS A 1 4  ? -4.775  6.807   0.642   1.00 1.32  ? 139 HIS A HB3  1 
ATOM   64  H  HD2  . HIS A 1 4  ? -1.963  6.132   2.024   1.00 1.53  ? 139 HIS A HD2  1 
ATOM   65  H  HE1  . HIS A 1 4  ? -1.022  3.867   -1.391  1.00 1.65  ? 139 HIS A HE1  1 
ATOM   66  H  HE2  . HIS A 1 4  ? -0.449  4.320   1.035   1.00 1.98  ? 139 HIS A HE2  1 
ATOM   67  N  N    . ASN A 1 5  ? -5.576  5.305   -1.851  1.00 0.85  ? 140 ASN A N    1 
ATOM   68  C  CA   . ASN A 1 5  ? -6.728  4.392   -2.074  1.00 0.81  ? 140 ASN A CA   1 
ATOM   69  C  C    . ASN A 1 5  ? -6.466  3.117   -1.276  1.00 0.82  ? 140 ASN A C    1 
ATOM   70  O  O    . ASN A 1 5  ? -5.347  2.646   -1.220  1.00 1.00  ? 140 ASN A O    1 
ATOM   71  C  CB   . ASN A 1 5  ? -6.834  4.057   -3.566  1.00 0.74  ? 140 ASN A CB   1 
ATOM   72  C  CG   . ASN A 1 5  ? -8.307  3.939   -3.966  1.00 0.98  ? 140 ASN A CG   1 
ATOM   73  O  OD1  . ASN A 1 5  ? -9.033  3.131   -3.425  1.00 1.51  ? 140 ASN A OD1  1 
ATOM   74  N  ND2  . ASN A 1 5  ? -8.781  4.717   -4.903  1.00 1.56  ? 140 ASN A ND2  1 
ATOM   75  H  H    . ASN A 1 5  ? -4.670  4.943   -1.862  1.00 0.89  ? 140 ASN A H    1 
ATOM   76  H  HA   . ASN A 1 5  ? -7.641  4.859   -1.733  1.00 0.92  ? 140 ASN A HA   1 
ATOM   77  H  HB2  . ASN A 1 5  ? -6.365  4.842   -4.144  1.00 0.76  ? 140 ASN A HB2  1 
ATOM   78  H  HB3  . ASN A 1 5  ? -6.334  3.119   -3.763  1.00 0.68  ? 140 ASN A HB3  1 
ATOM   79  H  HD21 . ASN A 1 5  ? -8.194  5.369   -5.342  1.00 2.17  ? 140 ASN A HD21 1 
ATOM   80  H  HD22 . ASN A 1 5  ? -9.722  4.650   -5.166  1.00 1.71  ? 140 ASN A HD22 1 
ATOM   81  N  N    . PHE A 1 6  ? -7.470  2.564   -0.646  1.00 0.82  ? 141 PHE A N    1 
ATOM   82  C  CA   . PHE A 1 6  ? -7.237  1.329   0.156   1.00 0.85  ? 141 PHE A CA   1 
ATOM   83  C  C    . PHE A 1 6  ? -8.323  0.293   -0.133  1.00 0.84  ? 141 PHE A C    1 
ATOM   84  O  O    . PHE A 1 6  ? -9.467  0.451   0.249   1.00 1.13  ? 141 PHE A O    1 
ATOM   85  C  CB   . PHE A 1 6  ? -7.242  1.673   1.650   1.00 1.19  ? 141 PHE A CB   1 
ATOM   86  C  CG   . PHE A 1 6  ? -6.310  2.837   1.909   1.00 0.84  ? 141 PHE A CG   1 
ATOM   87  C  CD1  . PHE A 1 6  ? -4.929  2.692   1.724   1.00 1.35  ? 141 PHE A CD1  1 
ATOM   88  C  CD2  . PHE A 1 6  ? -6.832  4.065   2.337   1.00 1.56  ? 141 PHE A CD2  1 
ATOM   89  C  CE1  . PHE A 1 6  ? -4.074  3.771   1.968   1.00 1.59  ? 141 PHE A CE1  1 
ATOM   90  C  CE2  . PHE A 1 6  ? -5.976  5.144   2.580   1.00 1.87  ? 141 PHE A CE2  1 
ATOM   91  C  CZ   . PHE A 1 6  ? -4.597  4.998   2.395   1.00 1.57  ? 141 PHE A CZ   1 
ATOM   92  H  H    . PHE A 1 6  ? -8.364  2.964   -0.690  1.00 0.94  ? 141 PHE A H    1 
ATOM   93  H  HA   . PHE A 1 6  ? -6.275  0.913   -0.108  1.00 0.82  ? 141 PHE A HA   1 
ATOM   94  H  HB2  . PHE A 1 6  ? -8.243  1.938   1.954   1.00 1.61  ? 141 PHE A HB2  1 
ATOM   95  H  HB3  . PHE A 1 6  ? -6.908  0.816   2.216   1.00 1.69  ? 141 PHE A HB3  1 
ATOM   96  H  HD1  . PHE A 1 6  ? -4.522  1.747   1.394   1.00 2.12  ? 141 PHE A HD1  1 
ATOM   97  H  HD2  . PHE A 1 6  ? -7.894  4.179   2.480   1.00 2.33  ? 141 PHE A HD2  1 
ATOM   98  H  HE1  . PHE A 1 6  ? -3.011  3.658   1.827   1.00 2.35  ? 141 PHE A HE1  1 
ATOM   99  H  HE2  . PHE A 1 6  ? -6.379  6.089   2.910   1.00 2.74  ? 141 PHE A HE2  1 
ATOM   100 H  HZ   . PHE A 1 6  ? -3.936  5.832   2.582   1.00 2.05  ? 141 PHE A HZ   1 
ATOM   101 N  N    . ALA A 1 7  ? -7.957  -0.773  -0.790  1.00 0.66  ? 142 ALA A N    1 
ATOM   102 C  CA   . ALA A 1 7  ? -8.937  -1.852  -1.102  1.00 0.80  ? 142 ALA A CA   1 
ATOM   103 C  C    . ALA A 1 7  ? -8.362  -3.177  -0.605  1.00 0.69  ? 142 ALA A C    1 
ATOM   104 O  O    . ALA A 1 7  ? -7.476  -3.742  -1.216  1.00 0.75  ? 142 ALA A O    1 
ATOM   105 C  CB   . ALA A 1 7  ? -9.161  -1.921  -2.614  1.00 0.99  ? 142 ALA A CB   1 
ATOM   106 H  H    . ALA A 1 7  ? -7.023  -0.874  -1.070  1.00 0.58  ? 142 ALA A H    1 
ATOM   107 H  HA   . ALA A 1 7  ? -9.873  -1.650  -0.602  1.00 0.98  ? 142 ALA A HA   1 
ATOM   108 H  HB1  . ALA A 1 7  ? -8.299  -1.519  -3.125  1.00 1.58  ? 142 ALA A HB1  1 
ATOM   109 H  HB2  . ALA A 1 7  ? -9.308  -2.950  -2.911  1.00 1.47  ? 142 ALA A HB2  1 
ATOM   110 H  HB3  . ALA A 1 7  ? -10.036 -1.344  -2.876  1.00 1.33  ? 142 ALA A HB3  1 
ATOM   111 N  N    . ARG A 1 8  ? -8.843  -3.666  0.512   1.00 0.63  ? 143 ARG A N    1 
ATOM   112 C  CA   . ARG A 1 8  ? -8.308  -4.949  1.068   1.00 0.57  ? 143 ARG A CA   1 
ATOM   113 C  C    . ARG A 1 8  ? -8.435  -6.069  0.030   1.00 0.55  ? 143 ARG A C    1 
ATOM   114 O  O    . ARG A 1 8  ? -9.521  -6.525  -0.276  1.00 0.76  ? 143 ARG A O    1 
ATOM   115 C  CB   . ARG A 1 8  ? -9.092  -5.331  2.329   1.00 0.61  ? 143 ARG A CB   1 
ATOM   116 C  CG   . ARG A 1 8  ? -10.584 -5.438  2.002   1.00 1.56  ? 143 ARG A CG   1 
ATOM   117 C  CD   . ARG A 1 8  ? -11.406 -5.090  3.243   1.00 1.96  ? 143 ARG A CD   1 
ATOM   118 N  NE   . ARG A 1 8  ? -11.214 -6.143  4.279   1.00 2.61  ? 143 ARG A NE   1 
ATOM   119 C  CZ   . ARG A 1 8  ? -12.246 -6.641  4.904   1.00 3.14  ? 143 ARG A CZ   1 
ATOM   120 N  NH1  . ARG A 1 8  ? -13.157 -5.845  5.395   1.00 3.60  ? 143 ARG A NH1  1 
ATOM   121 N  NH2  . ARG A 1 8  ? -12.367 -7.933  5.038   1.00 3.73  ? 143 ARG A NH2  1 
ATOM   122 H  H    . ARG A 1 8  ? -9.545  -3.182  0.993   1.00 0.72  ? 143 ARG A H    1 
ATOM   123 H  HA   . ARG A 1 8  ? -7.266  -4.815  1.323   1.00 0.55  ? 143 ARG A HA   1 
ATOM   124 H  HB2  . ARG A 1 8  ? -8.735  -6.282  2.698   1.00 1.23  ? 143 ARG A HB2  1 
ATOM   125 H  HB3  . ARG A 1 8  ? -8.946  -4.573  3.086   1.00 1.12  ? 143 ARG A HB3  1 
ATOM   126 H  HG2  . ARG A 1 8  ? -10.826 -4.751  1.203   1.00 2.15  ? 143 ARG A HG2  1 
ATOM   127 H  HG3  . ARG A 1 8  ? -10.812 -6.447  1.691   1.00 2.23  ? 143 ARG A HG3  1 
ATOM   128 H  HD2  . ARG A 1 8  ? -11.082 -4.138  3.635   1.00 2.42  ? 143 ARG A HD2  1 
ATOM   129 H  HD3  . ARG A 1 8  ? -12.452 -5.033  2.978   1.00 2.18  ? 143 ARG A HD3  1 
ATOM   130 H  HE   . ARG A 1 8  ? -10.312 -6.462  4.494   1.00 3.04  ? 143 ARG A HE   1 
ATOM   131 H  HH11 . ARG A 1 8  ? -13.063 -4.855  5.293   1.00 3.68  ? 143 ARG A HH11 1 
ATOM   132 H  HH12 . ARG A 1 8  ? -13.948 -6.226  5.874   1.00 4.17  ? 143 ARG A HH12 1 
ATOM   133 H  HH21 . ARG A 1 8  ? -11.669 -8.543  4.662   1.00 3.87  ? 143 ARG A HH21 1 
ATOM   134 H  HH22 . ARG A 1 8  ? -13.158 -8.315  5.518   1.00 4.33  ? 143 ARG A HH22 1 
ATOM   135 N  N    . LYS A 1 9  ? -7.329  -6.512  -0.507  1.00 0.47  ? 144 LYS A N    1 
ATOM   136 C  CA   . LYS A 1 9  ? -7.369  -7.603  -1.520  1.00 0.49  ? 144 LYS A CA   1 
ATOM   137 C  C    . LYS A 1 9  ? -5.993  -8.261  -1.604  1.00 0.43  ? 144 LYS A C    1 
ATOM   138 O  O    . LYS A 1 9  ? -4.976  -7.614  -1.426  1.00 0.55  ? 144 LYS A O    1 
ATOM   139 C  CB   . LYS A 1 9  ? -7.754  -7.025  -2.889  1.00 0.63  ? 144 LYS A CB   1 
ATOM   140 C  CG   . LYS A 1 9  ? -6.763  -5.929  -3.289  1.00 0.78  ? 144 LYS A CG   1 
ATOM   141 C  CD   . LYS A 1 9  ? -7.408  -5.009  -4.328  1.00 1.26  ? 144 LYS A CD   1 
ATOM   142 C  CE   . LYS A 1 9  ? -7.490  -5.733  -5.673  1.00 1.74  ? 144 LYS A CE   1 
ATOM   143 N  NZ   . LYS A 1 9  ? -7.520  -4.732  -6.776  1.00 2.35  ? 144 LYS A NZ   1 
ATOM   144 H  H    . LYS A 1 9  ? -6.467  -6.124  -0.238  1.00 0.53  ? 144 LYS A H    1 
ATOM   145 H  HA   . LYS A 1 9  ? -8.100  -8.341  -1.223  1.00 0.56  ? 144 LYS A HA   1 
ATOM   146 H  HB2  . LYS A 1 9  ? -7.737  -7.811  -3.629  1.00 0.72  ? 144 LYS A HB2  1 
ATOM   147 H  HB3  . LYS A 1 9  ? -8.748  -6.606  -2.834  1.00 0.77  ? 144 LYS A HB3  1 
ATOM   148 H  HG2  . LYS A 1 9  ? -6.493  -5.354  -2.416  1.00 1.29  ? 144 LYS A HG2  1 
ATOM   149 H  HG3  . LYS A 1 9  ? -5.878  -6.381  -3.711  1.00 0.98  ? 144 LYS A HG3  1 
ATOM   150 H  HD2  . LYS A 1 9  ? -8.402  -4.739  -4.002  1.00 1.69  ? 144 LYS A HD2  1 
ATOM   151 H  HD3  . LYS A 1 9  ? -6.812  -4.117  -4.439  1.00 1.77  ? 144 LYS A HD3  1 
ATOM   152 H  HE2  . LYS A 1 9  ? -6.627  -6.372  -5.791  1.00 2.16  ? 144 LYS A HE2  1 
ATOM   153 H  HE3  . LYS A 1 9  ? -8.388  -6.333  -5.706  1.00 2.17  ? 144 LYS A HE3  1 
ATOM   154 H  HZ1  . LYS A 1 9  ? -8.151  -3.949  -6.516  1.00 2.67  ? 144 LYS A HZ1  1 
ATOM   155 H  HZ2  . LYS A 1 9  ? -6.562  -4.366  -6.939  1.00 2.71  ? 144 LYS A HZ2  1 
ATOM   156 H  HZ3  . LYS A 1 9  ? -7.870  -5.186  -7.646  1.00 2.80  ? 144 LYS A HZ3  1 
ATOM   157 N  N    . THR A 1 10 ? -5.949  -9.540  -1.873  1.00 0.49  ? 145 THR A N    1 
ATOM   158 C  CA   . THR A 1 10 ? -4.638  -10.239 -1.970  1.00 0.52  ? 145 THR A CA   1 
ATOM   159 C  C    . THR A 1 10 ? -4.033  -9.956  -3.344  1.00 0.55  ? 145 THR A C    1 
ATOM   160 O  O    . THR A 1 10 ? -4.745  -9.728  -4.306  1.00 0.67  ? 145 THR A O    1 
ATOM   161 C  CB   . THR A 1 10 ? -4.844  -11.744 -1.799  1.00 0.70  ? 145 THR A CB   1 
ATOM   162 O  OG1  . THR A 1 10 ? -5.713  -11.978 -0.701  1.00 1.59  ? 145 THR A OG1  1 
ATOM   163 C  CG2  . THR A 1 10 ? -3.496  -12.418 -1.540  1.00 1.24  ? 145 THR A CG2  1 
ATOM   164 H  H    . THR A 1 10 ? -6.782  -10.038 -2.013  1.00 0.65  ? 145 THR A H    1 
ATOM   165 H  HA   . THR A 1 10 ? -3.974  -9.868  -1.198  1.00 0.54  ? 145 THR A HA   1 
ATOM   166 H  HB   . THR A 1 10 ? -5.279  -12.153 -2.697  1.00 1.34  ? 145 THR A HB   1 
ATOM   167 H  HG1  . THR A 1 10 ? -6.485  -12.446 -1.027  1.00 2.00  ? 145 THR A HG1  1 
ATOM   168 H  HG21 . THR A 1 10 ? -2.802  -12.147 -2.322  1.00 1.65  ? 145 THR A HG21 1 
ATOM   169 H  HG22 . THR A 1 10 ? -3.109  -12.092 -0.585  1.00 1.80  ? 145 THR A HG22 1 
ATOM   170 H  HG23 . THR A 1 10 ? -3.625  -13.489 -1.528  1.00 1.91  ? 145 THR A HG23 1 
ATOM   171 N  N    . PHE A 1 11 ? -2.730  -9.934  -3.439  1.00 0.59  ? 146 PHE A N    1 
ATOM   172 C  CA   . PHE A 1 11 ? -2.078  -9.629  -4.742  1.00 0.77  ? 146 PHE A CA   1 
ATOM   173 C  C    . PHE A 1 11 ? -2.135  -10.862 -5.646  1.00 0.96  ? 146 PHE A C    1 
ATOM   174 O  O    . PHE A 1 11 ? -2.811  -11.827 -5.348  1.00 1.52  ? 146 PHE A O    1 
ATOM   175 C  CB   . PHE A 1 11 ? -0.622  -9.224  -4.482  1.00 0.89  ? 146 PHE A CB   1 
ATOM   176 C  CG   . PHE A 1 11 ? -0.525  -7.901  -3.723  1.00 0.76  ? 146 PHE A CG   1 
ATOM   177 C  CD1  . PHE A 1 11 ? -1.626  -7.331  -3.043  1.00 1.41  ? 146 PHE A CD1  1 
ATOM   178 C  CD2  . PHE A 1 11 ? 0.708   -7.257  -3.684  1.00 1.48  ? 146 PHE A CD2  1 
ATOM   179 C  CE1  . PHE A 1 11 ? -1.472  -6.138  -2.339  1.00 1.54  ? 146 PHE A CE1  1 
ATOM   180 C  CE2  . PHE A 1 11 ? 0.858   -6.056  -2.983  1.00 1.65  ? 146 PHE A CE2  1 
ATOM   181 C  CZ   . PHE A 1 11 ? -0.234  -5.500  -2.308  1.00 1.23  ? 146 PHE A CZ   1 
ATOM   182 H  H    . PHE A 1 11 ? -2.173  -10.093 -2.642  1.00 0.57  ? 146 PHE A H    1 
ATOM   183 H  HA   . PHE A 1 11 ? -2.597  -8.810  -5.219  1.00 0.82  ? 146 PHE A HA   1 
ATOM   184 H  HB2  . PHE A 1 11 ? -0.143  -9.995  -3.899  1.00 1.03  ? 146 PHE A HB2  1 
ATOM   185 H  HB3  . PHE A 1 11 ? -0.102  -9.124  -5.423  1.00 1.15  ? 146 PHE A HB3  1 
ATOM   186 H  HD1  . PHE A 1 11 ? -2.588  -7.805  -3.065  1.00 2.23  ? 146 PHE A HD1  1 
ATOM   187 H  HD2  . PHE A 1 11 ? 1.546   -7.684  -4.211  1.00 2.28  ? 146 PHE A HD2  1 
ATOM   188 H  HE1  . PHE A 1 11 ? -2.313  -5.706  -1.821  1.00 2.35  ? 146 PHE A HE1  1 
ATOM   189 H  HE2  . PHE A 1 11 ? 1.816   -5.562  -2.956  1.00 2.50  ? 146 PHE A HE2  1 
ATOM   190 H  HZ   . PHE A 1 11 ? -0.121  -4.581  -1.761  1.00 1.52  ? 146 PHE A HZ   1 
ATOM   191 N  N    . LEU A 1 12 ? -1.442  -10.827 -6.757  1.00 1.01  ? 147 LEU A N    1 
ATOM   192 C  CA   . LEU A 1 12 ? -1.465  -11.988 -7.693  1.00 1.20  ? 147 LEU A CA   1 
ATOM   193 C  C    . LEU A 1 12 ? -0.433  -13.034 -7.264  1.00 1.06  ? 147 LEU A C    1 
ATOM   194 O  O    . LEU A 1 12 ? -0.767  -14.182 -7.035  1.00 1.88  ? 147 LEU A O    1 
ATOM   195 C  CB   . LEU A 1 12 ? -1.147  -11.506 -9.108  1.00 1.57  ? 147 LEU A CB   1 
ATOM   196 C  CG   . LEU A 1 12 ? -2.288  -10.619 -9.610  1.00 2.03  ? 147 LEU A CG   1 
ATOM   197 C  CD1  . LEU A 1 12 ? -1.834  -9.857  -10.855 1.00 2.84  ? 147 LEU A CD1  1 
ATOM   198 C  CD2  . LEU A 1 12 ? -3.496  -11.493 -9.961  1.00 2.51  ? 147 LEU A CD2  1 
ATOM   199 H  H    . LEU A 1 12 ? -0.914  -10.032 -6.981  1.00 1.33  ? 147 LEU A H    1 
ATOM   200 H  HA   . LEU A 1 12 ? -2.448  -12.434 -7.681  1.00 1.42  ? 147 LEU A HA   1 
ATOM   201 H  HB2  . LEU A 1 12 ? -0.227  -10.939 -9.098  1.00 1.93  ? 147 LEU A HB2  1 
ATOM   202 H  HB3  . LEU A 1 12 ? -1.040  -12.357 -9.764  1.00 1.88  ? 147 LEU A HB3  1 
ATOM   203 H  HG   . LEU A 1 12 ? -2.563  -9.915  -8.838  1.00 2.42  ? 147 LEU A HG   1 
ATOM   204 H  HD11 . LEU A 1 12 ? -0.762  -9.728  -10.826 1.00 3.26  ? 147 LEU A HD11 1 
ATOM   205 H  HD12 . LEU A 1 12 ? -2.104  -10.417 -11.737 1.00 3.31  ? 147 LEU A HD12 1 
ATOM   206 H  HD13 . LEU A 1 12 ? -2.314  -8.890  -10.880 1.00 3.19  ? 147 LEU A HD13 1 
ATOM   207 H  HD21 . LEU A 1 12 ? -3.816  -12.035 -9.082  1.00 2.84  ? 147 LEU A HD21 1 
ATOM   208 H  HD22 . LEU A 1 12 ? -4.302  -10.866 -10.312 1.00 2.96  ? 147 LEU A HD22 1 
ATOM   209 H  HD23 . LEU A 1 12 ? -3.220  -12.193 -10.735 1.00 2.87  ? 147 LEU A HD23 1 
ATOM   210 N  N    . LYS A 1 13 ? 0.818   -12.654 -7.166  1.00 0.92  ? 148 LYS A N    1 
ATOM   211 C  CA   . LYS A 1 13 ? 1.867   -13.636 -6.764  1.00 1.08  ? 148 LYS A CA   1 
ATOM   212 C  C    . LYS A 1 13 ? 2.512   -13.214 -5.437  1.00 1.03  ? 148 LYS A C    1 
ATOM   213 O  O    . LYS A 1 13 ? 2.161   -13.720 -4.387  1.00 1.57  ? 148 LYS A O    1 
ATOM   214 C  CB   . LYS A 1 13 ? 2.932   -13.719 -7.864  1.00 1.30  ? 148 LYS A CB   1 
ATOM   215 C  CG   . LYS A 1 13 ? 2.317   -14.344 -9.117  1.00 1.50  ? 148 LYS A CG   1 
ATOM   216 C  CD   . LYS A 1 13 ? 3.425   -14.928 -9.994  1.00 2.08  ? 148 LYS A CD   1 
ATOM   217 C  CE   . LYS A 1 13 ? 3.000   -14.856 -11.462 1.00 2.78  ? 148 LYS A CE   1 
ATOM   218 N  NZ   . LYS A 1 13 ? 3.820   -15.809 -12.263 1.00 3.53  ? 148 LYS A NZ   1 
ATOM   219 H  H    . LYS A 1 13 ? 1.064   -11.726 -7.364  1.00 1.48  ? 148 LYS A H    1 
ATOM   220 H  HA   . LYS A 1 13 ? 1.414   -14.605 -6.640  1.00 1.32  ? 148 LYS A HA   1 
ATOM   221 H  HB2  . LYS A 1 13 ? 3.289   -12.726 -8.095  1.00 1.29  ? 148 LYS A HB2  1 
ATOM   222 H  HB3  . LYS A 1 13 ? 3.754   -14.330 -7.525  1.00 1.56  ? 148 LYS A HB3  1 
ATOM   223 H  HG2  . LYS A 1 13 ? 1.633   -15.130 -8.828  1.00 1.70  ? 148 LYS A HG2  1 
ATOM   224 H  HG3  . LYS A 1 13 ? 1.781   -13.588 -9.671  1.00 1.84  ? 148 LYS A HG3  1 
ATOM   225 H  HD2  . LYS A 1 13 ? 4.333   -14.360 -9.853  1.00 2.39  ? 148 LYS A HD2  1 
ATOM   226 H  HD3  . LYS A 1 13 ? 3.596   -15.958 -9.722  1.00 2.45  ? 148 LYS A HD3  1 
ATOM   227 H  HE2  . LYS A 1 13 ? 1.956   -15.119 -11.548 1.00 3.09  ? 148 LYS A HE2  1 
ATOM   228 H  HE3  . LYS A 1 13 ? 3.150   -13.852 -11.831 1.00 3.04  ? 148 LYS A HE3  1 
ATOM   229 H  HZ1  . LYS A 1 13 ? 4.787   -15.837 -11.883 1.00 3.92  ? 148 LYS A HZ1  1 
ATOM   230 H  HZ2  . LYS A 1 13 ? 3.398   -16.757 -12.211 1.00 3.87  ? 148 LYS A HZ2  1 
ATOM   231 H  HZ3  . LYS A 1 13 ? 3.848   -15.493 -13.253 1.00 3.82  ? 148 LYS A HZ3  1 
ATOM   232 N  N    . LEU A 1 14 ? 3.454   -12.305 -5.476  1.00 0.85  ? 149 LEU A N    1 
ATOM   233 C  CA   . LEU A 1 14 ? 4.125   -11.865 -4.217  1.00 0.80  ? 149 LEU A CA   1 
ATOM   234 C  C    . LEU A 1 14 ? 4.440   -10.370 -4.289  1.00 0.65  ? 149 LEU A C    1 
ATOM   235 O  O    . LEU A 1 14 ? 4.535   -9.793  -5.356  1.00 0.77  ? 149 LEU A O    1 
ATOM   236 C  CB   . LEU A 1 14 ? 5.427   -12.653 -4.039  1.00 1.01  ? 149 LEU A CB   1 
ATOM   237 C  CG   . LEU A 1 14 ? 5.823   -12.673 -2.560  1.00 1.03  ? 149 LEU A CG   1 
ATOM   238 C  CD1  . LEU A 1 14 ? 4.769   -13.435 -1.754  1.00 1.49  ? 149 LEU A CD1  1 
ATOM   239 C  CD2  . LEU A 1 14 ? 7.177   -13.371 -2.408  1.00 1.64  ? 149 LEU A CD2  1 
ATOM   240 H  H    . LEU A 1 14 ? 3.724   -11.920 -6.334  1.00 1.20  ? 149 LEU A H    1 
ATOM   241 H  HA   . LEU A 1 14 ? 3.473   -12.054 -3.377  1.00 0.81  ? 149 LEU A HA   1 
ATOM   242 H  HB2  . LEU A 1 14 ? 5.284   -13.665 -4.387  1.00 1.29  ? 149 LEU A HB2  1 
ATOM   243 H  HB3  . LEU A 1 14 ? 6.213   -12.182 -4.612  1.00 1.23  ? 149 LEU A HB3  1 
ATOM   244 H  HG   . LEU A 1 14 ? 5.895   -11.661 -2.192  1.00 1.68  ? 149 LEU A HG   1 
ATOM   245 H  HD11 . LEU A 1 14 ? 4.403   -14.269 -2.335  1.00 1.98  ? 149 LEU A HD11 1 
ATOM   246 H  HD12 . LEU A 1 14 ? 5.209   -13.800 -0.838  1.00 2.09  ? 149 LEU A HD12 1 
ATOM   247 H  HD13 . LEU A 1 14 ? 3.947   -12.773 -1.520  1.00 1.89  ? 149 LEU A HD13 1 
ATOM   248 H  HD21 . LEU A 1 14 ? 7.770   -13.202 -3.296  1.00 2.01  ? 149 LEU A HD21 1 
ATOM   249 H  HD22 . LEU A 1 14 ? 7.694   -12.971 -1.548  1.00 2.19  ? 149 LEU A HD22 1 
ATOM   250 H  HD23 . LEU A 1 14 ? 7.023   -14.432 -2.276  1.00 2.19  ? 149 LEU A HD23 1 
ATOM   251 N  N    . ALA A 1 15 ? 4.603   -9.742  -3.153  1.00 0.52  ? 150 ALA A N    1 
ATOM   252 C  CA   . ALA A 1 15 ? 4.912   -8.283  -3.125  1.00 0.48  ? 150 ALA A CA   1 
ATOM   253 C  C    . ALA A 1 15 ? 5.883   -8.004  -1.969  1.00 0.44  ? 150 ALA A C    1 
ATOM   254 O  O    . ALA A 1 15 ? 6.508   -8.913  -1.460  1.00 0.46  ? 150 ALA A O    1 
ATOM   255 C  CB   . ALA A 1 15 ? 3.606   -7.505  -2.936  1.00 0.52  ? 150 ALA A CB   1 
ATOM   256 H  H    . ALA A 1 15 ? 4.518   -10.234 -2.309  1.00 0.59  ? 150 ALA A H    1 
ATOM   257 H  HA   . ALA A 1 15 ? 5.373   -7.996  -4.059  1.00 0.58  ? 150 ALA A HA   1 
ATOM   258 H  HB1  . ALA A 1 15 ? 2.813   -8.193  -2.672  1.00 1.09  ? 150 ALA A HB1  1 
ATOM   259 H  HB2  . ALA A 1 15 ? 3.722   -6.776  -2.153  1.00 0.92  ? 150 ALA A HB2  1 
ATOM   260 H  HB3  . ALA A 1 15 ? 3.351   -7.006  -3.859  1.00 1.12  ? 150 ALA A HB3  1 
ATOM   261 N  N    . PHE A 1 16 ? 6.029   -6.764  -1.558  1.00 0.43  ? 151 PHE A N    1 
ATOM   262 C  CA   . PHE A 1 16 ? 6.975   -6.450  -0.440  1.00 0.41  ? 151 PHE A CA   1 
ATOM   263 C  C    . PHE A 1 16 ? 6.600   -5.110  0.219   1.00 0.39  ? 151 PHE A C    1 
ATOM   264 O  O    . PHE A 1 16 ? 6.507   -4.094  -0.440  1.00 0.46  ? 151 PHE A O    1 
ATOM   265 C  CB   . PHE A 1 16 ? 8.392   -6.324  -0.996  1.00 0.52  ? 151 PHE A CB   1 
ATOM   266 C  CG   . PHE A 1 16 ? 9.053   -7.675  -1.135  1.00 0.66  ? 151 PHE A CG   1 
ATOM   267 C  CD1  . PHE A 1 16 ? 9.744   -8.232  -0.051  1.00 1.43  ? 151 PHE A CD1  1 
ATOM   268 C  CD2  . PHE A 1 16 ? 8.996   -8.362  -2.355  1.00 1.43  ? 151 PHE A CD2  1 
ATOM   269 C  CE1  . PHE A 1 16 ? 10.372  -9.478  -0.186  1.00 1.63  ? 151 PHE A CE1  1 
ATOM   270 C  CE2  . PHE A 1 16 ? 9.621   -9.608  -2.488  1.00 1.55  ? 151 PHE A CE2  1 
ATOM   271 C  CZ   . PHE A 1 16 ? 10.310  -10.164 -1.403  1.00 1.19  ? 151 PHE A CZ   1 
ATOM   272 H  H    . PHE A 1 16 ? 5.526   -6.041  -1.989  1.00 0.46  ? 151 PHE A H    1 
ATOM   273 H  HA   . PHE A 1 16 ? 6.944   -7.237  0.296   1.00 0.38  ? 151 PHE A HA   1 
ATOM   274 H  HB2  . PHE A 1 16 ? 8.347   -5.850  -1.962  1.00 0.61  ? 151 PHE A HB2  1 
ATOM   275 H  HB3  . PHE A 1 16 ? 8.969   -5.716  -0.327  1.00 0.59  ? 151 PHE A HB3  1 
ATOM   276 H  HD1  . PHE A 1 16 ? 9.789   -7.704  0.890   1.00 2.22  ? 151 PHE A HD1  1 
ATOM   277 H  HD2  . PHE A 1 16 ? 8.465   -7.933  -3.191  1.00 2.26  ? 151 PHE A HD2  1 
ATOM   278 H  HE1  . PHE A 1 16 ? 10.904  -9.906  0.650   1.00 2.49  ? 151 PHE A HE1  1 
ATOM   279 H  HE2  . PHE A 1 16 ? 9.573   -10.138 -3.427  1.00 2.36  ? 151 PHE A HE2  1 
ATOM   280 H  HZ   . PHE A 1 16 ? 10.795  -11.123 -1.507  1.00 1.42  ? 151 PHE A HZ   1 
ATOM   281 N  N    . CYS A 1 17 ? 6.391   -5.103  1.516   1.00 0.32  ? 152 CYS A N    1 
ATOM   282 C  CA   . CYS A 1 17 ? 6.028   -3.829  2.226   1.00 0.33  ? 152 CYS A CA   1 
ATOM   283 C  C    . CYS A 1 17 ? 7.242   -2.896  2.297   1.00 0.40  ? 152 CYS A C    1 
ATOM   284 O  O    . CYS A 1 17 ? 8.126   -3.081  3.113   1.00 0.42  ? 152 CYS A O    1 
ATOM   285 C  CB   . CYS A 1 17 ? 5.583   -4.154  3.649   1.00 0.29  ? 152 CYS A CB   1 
ATOM   286 S  SG   . CYS A 1 17 ? 4.645   -2.760  4.328   1.00 0.30  ? 152 CYS A SG   1 
ATOM   287 H  H    . CYS A 1 17 ? 6.467   -5.938  2.026   1.00 0.30  ? 152 CYS A H    1 
ATOM   288 H  HA   . CYS A 1 17 ? 5.226   -3.338  1.700   1.00 0.37  ? 152 CYS A HA   1 
ATOM   289 H  HB2  . CYS A 1 17 ? 4.962   -5.036  3.641   1.00 0.36  ? 152 CYS A HB2  1 
ATOM   290 H  HB3  . CYS A 1 17 ? 6.451   -4.334  4.264   1.00 0.35  ? 152 CYS A HB3  1 
ATOM   291 N  N    . ASP A 1 18 ? 7.281   -1.883  1.465   1.00 0.50  ? 153 ASP A N    1 
ATOM   292 C  CA   . ASP A 1 18 ? 8.435   -0.925  1.491   1.00 0.60  ? 153 ASP A CA   1 
ATOM   293 C  C    . ASP A 1 18 ? 8.543   -0.247  2.870   1.00 0.58  ? 153 ASP A C    1 
ATOM   294 O  O    . ASP A 1 18 ? 9.570   0.305   3.215   1.00 0.72  ? 153 ASP A O    1 
ATOM   295 C  CB   . ASP A 1 18 ? 8.224   0.147   0.416   1.00 0.72  ? 153 ASP A CB   1 
ATOM   296 C  CG   . ASP A 1 18 ? 8.986   -0.244  -0.853  1.00 1.52  ? 153 ASP A CG   1 
ATOM   297 O  OD1  . ASP A 1 18 ? 10.182  -0.008  -0.899  1.00 2.15  ? 153 ASP A OD1  1 
ATOM   298 O  OD2  . ASP A 1 18 ? 8.360   -0.773  -1.756  1.00 2.24  ? 153 ASP A OD2  1 
ATOM   299 H  H    . ASP A 1 18 ? 6.542   -1.746  0.826   1.00 0.53  ? 153 ASP A H    1 
ATOM   300 H  HA   . ASP A 1 18 ? 9.348   -1.463  1.286   1.00 0.64  ? 153 ASP A HA   1 
ATOM   301 H  HB2  . ASP A 1 18 ? 7.172   0.231   0.192   1.00 1.01  ? 153 ASP A HB2  1 
ATOM   302 H  HB3  . ASP A 1 18 ? 8.594   1.095   0.775   1.00 1.09  ? 153 ASP A HB3  1 
ATOM   303 N  N    . ILE A 1 19 ? 7.492   -0.277  3.650   1.00 0.46  ? 154 ILE A N    1 
ATOM   304 C  CA   . ILE A 1 19 ? 7.514   0.367   4.997   1.00 0.48  ? 154 ILE A CA   1 
ATOM   305 C  C    . ILE A 1 19 ? 8.171   -0.568  6.014   1.00 0.46  ? 154 ILE A C    1 
ATOM   306 O  O    . ILE A 1 19 ? 8.863   -0.132  6.913   1.00 0.51  ? 154 ILE A O    1 
ATOM   307 C  CB   . ILE A 1 19 ? 6.068   0.601   5.433   1.00 0.47  ? 154 ILE A CB   1 
ATOM   308 C  CG1  . ILE A 1 19 ? 5.348   1.490   4.385   1.00 0.52  ? 154 ILE A CG1  1 
ATOM   309 C  CG2  . ILE A 1 19 ? 6.000   1.213   6.856   1.00 0.51  ? 154 ILE A CG2  1 
ATOM   310 C  CD1  . ILE A 1 19 ? 5.559   2.990   4.662   1.00 0.59  ? 154 ILE A CD1  1 
ATOM   311 H  H    . ILE A 1 19 ? 6.675   -0.720  3.346   1.00 0.41  ? 154 ILE A H    1 
ATOM   312 H  HA   . ILE A 1 19 ? 8.043   1.307   4.957   1.00 0.54  ? 154 ILE A HA   1 
ATOM   313 H  HB   . ILE A 1 19 ? 5.583   -0.361  5.463   1.00 0.44  ? 154 ILE A HB   1 
ATOM   314 H  HG12 . ILE A 1 19 ? 5.735   1.258   3.405   1.00 0.56  ? 154 ILE A HG12 1 
ATOM   315 H  HG13 . ILE A 1 19 ? 4.291   1.271   4.402   1.00 0.61  ? 154 ILE A HG13 1 
ATOM   316 H  HG21 . ILE A 1 19 ? 6.873   1.818   7.035   1.00 1.15  ? 154 ILE A HG21 1 
ATOM   317 H  HG22 . ILE A 1 19 ? 5.111   1.824   6.944   1.00 1.18  ? 154 ILE A HG22 1 
ATOM   318 H  HG23 . ILE A 1 19 ? 5.956   0.417   7.587   1.00 1.09  ? 154 ILE A HG23 1 
ATOM   319 H  HD11 . ILE A 1 19 ? 6.560   3.149   5.032   1.00 1.11  ? 154 ILE A HD11 1 
ATOM   320 H  HD12 . ILE A 1 19 ? 5.418   3.546   3.748   1.00 1.14  ? 154 ILE A HD12 1 
ATOM   321 H  HD13 . ILE A 1 19 ? 4.844   3.323   5.399   1.00 1.23  ? 154 ILE A HD13 1 
ATOM   322 N  N    . CYS A 1 20 ? 7.910   -1.843  5.904   1.00 0.41  ? 155 CYS A N    1 
ATOM   323 C  CA   . CYS A 1 20 ? 8.463   -2.805  6.888   1.00 0.43  ? 155 CYS A CA   1 
ATOM   324 C  C    . CYS A 1 20 ? 9.845   -3.301  6.452   1.00 0.52  ? 155 CYS A C    1 
ATOM   325 O  O    . CYS A 1 20 ? 10.846  -2.762  6.874   1.00 1.02  ? 155 CYS A O    1 
ATOM   326 C  CB   . CYS A 1 20 ? 7.483   -3.957  7.030   1.00 0.39  ? 155 CYS A CB   1 
ATOM   327 S  SG   . CYS A 1 20 ? 5.938   -3.340  7.748   1.00 0.43  ? 155 CYS A SG   1 
ATOM   328 H  H    . CYS A 1 20 ? 7.320   -2.167  5.189   1.00 0.37  ? 155 CYS A H    1 
ATOM   329 H  HA   . CYS A 1 20 ? 8.550   -2.319  7.835   1.00 0.48  ? 155 CYS A HA   1 
ATOM   330 H  HB2  . CYS A 1 20 ? 7.290   -4.367  6.064   1.00 0.35  ? 155 CYS A HB2  1 
ATOM   331 H  HB3  . CYS A 1 20 ? 7.902   -4.714  7.669   1.00 0.44  ? 155 CYS A HB3  1 
ATOM   332 N  N    . GLN A 1 21 ? 9.909   -4.311  5.609   1.00 0.57  ? 156 GLN A N    1 
ATOM   333 C  CA   . GLN A 1 21 ? 11.237  -4.849  5.136   1.00 0.63  ? 156 GLN A CA   1 
ATOM   334 C  C    . GLN A 1 21 ? 11.068  -6.217  4.451   1.00 0.52  ? 156 GLN A C    1 
ATOM   335 O  O    . GLN A 1 21 ? 11.965  -6.662  3.758   1.00 0.56  ? 156 GLN A O    1 
ATOM   336 C  CB   . GLN A 1 21 ? 12.227  -5.016  6.310   1.00 0.85  ? 156 GLN A CB   1 
ATOM   337 C  CG   . GLN A 1 21 ? 13.242  -3.860  6.315   1.00 1.02  ? 156 GLN A CG   1 
ATOM   338 C  CD   . GLN A 1 21 ? 14.664  -4.413  6.459   1.00 1.55  ? 156 GLN A CD   1 
ATOM   339 O  OE1  . GLN A 1 21 ? 14.854  -5.538  6.881   1.00 2.26  ? 156 GLN A OE1  1 
ATOM   340 N  NE2  . GLN A 1 21 ? 15.678  -3.663  6.124   1.00 2.08  ? 156 GLN A NE2  1 
ATOM   341 H  H    . GLN A 1 21 ? 9.082   -4.706  5.277   1.00 0.94  ? 156 GLN A H    1 
ATOM   342 H  HA   . GLN A 1 21 ? 11.651  -4.155  4.422   1.00 0.70  ? 156 GLN A HA   1 
ATOM   343 H  HB2  . GLN A 1 21 ? 11.678  -5.012  7.241   1.00 0.82  ? 156 GLN A HB2  1 
ATOM   344 H  HB3  . GLN A 1 21 ? 12.754  -5.956  6.210   1.00 1.07  ? 156 GLN A HB3  1 
ATOM   345 H  HG2  . GLN A 1 21 ? 13.165  -3.306  5.390   1.00 1.16  ? 156 GLN A HG2  1 
ATOM   346 H  HG3  . GLN A 1 21 ? 13.030  -3.202  7.144   1.00 1.34  ? 156 GLN A HG3  1 
ATOM   347 H  HE21 . GLN A 1 21 ? 15.526  -2.757  5.784   1.00 2.39  ? 156 GLN A HE21 1 
ATOM   348 H  HE22 . GLN A 1 21 ? 16.591  -4.007  6.212   1.00 2.58  ? 156 GLN A HE22 1 
ATOM   349 N  N    . LYS A 1 22 ? 9.960   -6.901  4.646   1.00 0.51  ? 157 LYS A N    1 
ATOM   350 C  CA   . LYS A 1 22 ? 9.802   -8.239  4.011   1.00 0.50  ? 157 LYS A CA   1 
ATOM   351 C  C    . LYS A 1 22 ? 8.606   -8.233  3.061   1.00 0.41  ? 157 LYS A C    1 
ATOM   352 O  O    . LYS A 1 22 ? 7.966   -7.231  2.857   1.00 0.41  ? 157 LYS A O    1 
ATOM   353 C  CB   . LYS A 1 22 ? 9.581   -9.294  5.100   1.00 0.68  ? 157 LYS A CB   1 
ATOM   354 C  CG   . LYS A 1 22 ? 10.687  -9.191  6.158   1.00 1.38  ? 157 LYS A CG   1 
ATOM   355 C  CD   . LYS A 1 22 ? 10.146  -8.486  7.407   1.00 1.61  ? 157 LYS A CD   1 
ATOM   356 C  CE   . LYS A 1 22 ? 9.753   -9.528  8.458   1.00 2.13  ? 157 LYS A CE   1 
ATOM   357 N  NZ   . LYS A 1 22 ? 10.900  -9.762  9.379   1.00 2.49  ? 157 LYS A NZ   1 
ATOM   358 H  H    . LYS A 1 22 ? 9.252   -6.555  5.223   1.00 0.59  ? 157 LYS A H    1 
ATOM   359 H  HA   . LYS A 1 22 ? 10.697  -8.481  3.458   1.00 0.55  ? 157 LYS A HA   1 
ATOM   360 H  HB2  . LYS A 1 22 ? 8.618   -9.133  5.563   1.00 1.16  ? 157 LYS A HB2  1 
ATOM   361 H  HB3  . LYS A 1 22 ? 9.603   -10.277 4.655   1.00 1.19  ? 157 LYS A HB3  1 
ATOM   362 H  HG2  . LYS A 1 22 ? 11.025  -10.183 6.421   1.00 2.07  ? 157 LYS A HG2  1 
ATOM   363 H  HG3  . LYS A 1 22 ? 11.517  -8.625  5.762   1.00 2.06  ? 157 LYS A HG3  1 
ATOM   364 H  HD2  . LYS A 1 22 ? 10.909  -7.837  7.813   1.00 2.12  ? 157 LYS A HD2  1 
ATOM   365 H  HD3  . LYS A 1 22 ? 9.278   -7.899  7.144   1.00 1.98  ? 157 LYS A HD3  1 
ATOM   366 H  HE2  . LYS A 1 22 ? 8.905   -9.167  9.023   1.00 2.50  ? 157 LYS A HE2  1 
ATOM   367 H  HE3  . LYS A 1 22 ? 9.492   -10.453 7.967   1.00 2.74  ? 157 LYS A HE3  1 
ATOM   368 H  HZ1  . LYS A 1 22 ? 11.347  -8.854  9.616   1.00 3.11  ? 157 LYS A HZ1  1 
ATOM   369 H  HZ2  . LYS A 1 22 ? 10.559  -10.215 10.251  1.00 2.61  ? 157 LYS A HZ2  1 
ATOM   370 H  HZ3  . LYS A 1 22 ? 11.596  -10.381 8.915   1.00 2.72  ? 157 LYS A HZ3  1 
ATOM   371 N  N    . PHE A 1 23 ? 8.339   -9.360  2.469   1.00 0.48  ? 158 PHE A N    1 
ATOM   372 C  CA   . PHE A 1 23 ? 7.215   -9.512  1.490   1.00 0.46  ? 158 PHE A CA   1 
ATOM   373 C  C    . PHE A 1 23 ? 5.913   -8.803  1.938   1.00 0.35  ? 158 PHE A C    1 
ATOM   374 O  O    . PHE A 1 23 ? 5.769   -8.348  3.056   1.00 0.35  ? 158 PHE A O    1 
ATOM   375 C  CB   . PHE A 1 23 ? 6.939   -11.019 1.344   1.00 0.57  ? 158 PHE A CB   1 
ATOM   376 C  CG   . PHE A 1 23 ? 6.289   -11.536 2.613   1.00 0.55  ? 158 PHE A CG   1 
ATOM   377 C  CD1  . PHE A 1 23 ? 7.045   -11.697 3.779   1.00 1.35  ? 158 PHE A CD1  1 
ATOM   378 C  CD2  . PHE A 1 23 ? 4.918   -11.803 2.627   1.00 1.27  ? 158 PHE A CD2  1 
ATOM   379 C  CE1  . PHE A 1 23 ? 6.431   -12.133 4.955   1.00 1.37  ? 158 PHE A CE1  1 
ATOM   380 C  CE2  . PHE A 1 23 ? 4.301   -12.235 3.804   1.00 1.31  ? 158 PHE A CE2  1 
ATOM   381 C  CZ   . PHE A 1 23 ? 5.057   -12.400 4.970   1.00 0.66  ? 158 PHE A CZ   1 
ATOM   382 H  H    . PHE A 1 23 ? 8.906   -10.135 2.653   1.00 0.62  ? 158 PHE A H    1 
ATOM   383 H  HA   . PHE A 1 23 ? 7.519   -9.122  0.535   1.00 0.50  ? 158 PHE A HA   1 
ATOM   384 H  HB2  . PHE A 1 23 ? 6.281   -11.183 0.506   1.00 0.61  ? 158 PHE A HB2  1 
ATOM   385 H  HB3  . PHE A 1 23 ? 7.870   -11.543 1.179   1.00 0.66  ? 158 PHE A HB3  1 
ATOM   386 H  HD1  . PHE A 1 23 ? 8.104   -11.496 3.770   1.00 2.22  ? 158 PHE A HD1  1 
ATOM   387 H  HD2  . PHE A 1 23 ? 4.334   -11.678 1.726   1.00 2.13  ? 158 PHE A HD2  1 
ATOM   388 H  HE1  . PHE A 1 23 ? 7.013   -12.252 5.854   1.00 2.23  ? 158 PHE A HE1  1 
ATOM   389 H  HE2  . PHE A 1 23 ? 3.243   -12.434 3.813   1.00 2.18  ? 158 PHE A HE2  1 
ATOM   390 H  HZ   . PHE A 1 23 ? 4.580   -12.732 5.879   1.00 0.74  ? 158 PHE A HZ   1 
ATOM   391 N  N    . LEU A 1 24 ? 4.957   -8.773  1.045   1.00 0.35  ? 159 LEU A N    1 
ATOM   392 C  CA   . LEU A 1 24 ? 3.617   -8.175  1.330   1.00 0.33  ? 159 LEU A CA   1 
ATOM   393 C  C    . LEU A 1 24 ? 2.572   -9.291  1.175   1.00 0.31  ? 159 LEU A C    1 
ATOM   394 O  O    . LEU A 1 24 ? 2.655   -10.093 0.263   1.00 0.41  ? 159 LEU A O    1 
ATOM   395 C  CB   . LEU A 1 24 ? 3.314   -7.088  0.278   1.00 0.46  ? 159 LEU A CB   1 
ATOM   396 C  CG   . LEU A 1 24 ? 2.401   -5.953  0.806   1.00 0.51  ? 159 LEU A CG   1 
ATOM   397 C  CD1  . LEU A 1 24 ? 1.408   -6.425  1.874   1.00 1.04  ? 159 LEU A CD1  1 
ATOM   398 C  CD2  . LEU A 1 24 ? 3.269   -4.850  1.381   1.00 1.16  ? 159 LEU A CD2  1 
ATOM   399 H  H    . LEU A 1 24 ? 5.121   -9.176  0.171   1.00 0.41  ? 159 LEU A H    1 
ATOM   400 H  HA   . LEU A 1 24 ? 3.586   -7.759  2.328   1.00 0.35  ? 159 LEU A HA   1 
ATOM   401 H  HB2  . LEU A 1 24 ? 4.246   -6.655  -0.049  1.00 0.68  ? 159 LEU A HB2  1 
ATOM   402 H  HB3  . LEU A 1 24 ? 2.834   -7.555  -0.570  1.00 0.56  ? 159 LEU A HB3  1 
ATOM   403 H  HG   . LEU A 1 24 ? 1.842   -5.553  -0.027  1.00 1.23  ? 159 LEU A HG   1 
ATOM   404 H  HD11 . LEU A 1 24 ? 0.823   -7.235  1.483   1.00 1.62  ? 159 LEU A HD11 1 
ATOM   405 H  HD12 . LEU A 1 24 ? 1.946   -6.756  2.749   1.00 1.57  ? 159 LEU A HD12 1 
ATOM   406 H  HD13 . LEU A 1 24 ? 0.753   -5.608  2.143   1.00 1.66  ? 159 LEU A HD13 1 
ATOM   407 H  HD21 . LEU A 1 24 ? 4.210   -4.832  0.862   1.00 1.71  ? 159 LEU A HD21 1 
ATOM   408 H  HD22 . LEU A 1 24 ? 2.774   -3.909  1.251   1.00 1.73  ? 159 LEU A HD22 1 
ATOM   409 H  HD23 . LEU A 1 24 ? 3.432   -5.030  2.431   1.00 1.78  ? 159 LEU A HD23 1 
ATOM   410 N  N    . LEU A 1 25 ? 1.597   -9.353  2.046   1.00 0.27  ? 160 LEU A N    1 
ATOM   411 C  CA   . LEU A 1 25 ? 0.562   -10.412 1.940   1.00 0.32  ? 160 LEU A CA   1 
ATOM   412 C  C    . LEU A 1 25 ? -0.805  -9.752  1.742   1.00 0.34  ? 160 LEU A C    1 
ATOM   413 O  O    . LEU A 1 25 ? -0.893  -8.565  1.502   1.00 0.66  ? 160 LEU A O    1 
ATOM   414 C  CB   . LEU A 1 25 ? 0.559   -11.215 3.239   1.00 0.43  ? 160 LEU A CB   1 
ATOM   415 C  CG   . LEU A 1 25 ? 0.372   -10.274 4.445   1.00 0.57  ? 160 LEU A CG   1 
ATOM   416 C  CD1  . LEU A 1 25 ? -0.808  -10.752 5.296   1.00 1.21  ? 160 LEU A CD1  1 
ATOM   417 C  CD2  . LEU A 1 25 ? 1.644   -10.273 5.301   1.00 1.23  ? 160 LEU A CD2  1 
ATOM   418 H  H    . LEU A 1 25 ? 1.548   -8.709  2.775   1.00 0.29  ? 160 LEU A H    1 
ATOM   419 H  HA   . LEU A 1 25 ? 0.783   -11.062 1.108   1.00 0.38  ? 160 LEU A HA   1 
ATOM   420 H  HB2  . LEU A 1 25 ? -0.239  -11.923 3.208   1.00 0.51  ? 160 LEU A HB2  1 
ATOM   421 H  HB3  . LEU A 1 25 ? 1.494   -11.737 3.332   1.00 0.54  ? 160 LEU A HB3  1 
ATOM   422 H  HG   . LEU A 1 25 ? 0.175   -9.270  4.096   1.00 1.14  ? 160 LEU A HG   1 
ATOM   423 H  HD11 . LEU A 1 25 ? -0.943  -11.815 5.160   1.00 1.80  ? 160 LEU A HD11 1 
ATOM   424 H  HD12 . LEU A 1 25 ? -0.609  -10.545 6.337   1.00 1.73  ? 160 LEU A HD12 1 
ATOM   425 H  HD13 . LEU A 1 25 ? -1.704  -10.233 4.992   1.00 1.75  ? 160 LEU A HD13 1 
ATOM   426 H  HD21 . LEU A 1 25 ? 2.095   -11.254 5.279   1.00 1.79  ? 160 LEU A HD21 1 
ATOM   427 H  HD22 . LEU A 1 25 ? 2.342   -9.548  4.911   1.00 1.70  ? 160 LEU A HD22 1 
ATOM   428 H  HD23 . LEU A 1 25 ? 1.392   -10.018 6.320   1.00 1.80  ? 160 LEU A HD23 1 
ATOM   429 N  N    . ASN A 1 26 ? -1.880  -10.502 1.838   1.00 0.37  ? 161 ASN A N    1 
ATOM   430 C  CA   . ASN A 1 26 ? -3.238  -9.886  1.657   1.00 0.36  ? 161 ASN A CA   1 
ATOM   431 C  C    . ASN A 1 26 ? -3.381  -8.712  2.635   1.00 0.34  ? 161 ASN A C    1 
ATOM   432 O  O    . ASN A 1 26 ? -3.642  -8.899  3.809   1.00 0.43  ? 161 ASN A O    1 
ATOM   433 C  CB   . ASN A 1 26 ? -4.330  -10.930 1.923   1.00 0.48  ? 161 ASN A CB   1 
ATOM   434 C  CG   . ASN A 1 26 ? -4.170  -11.524 3.326   1.00 1.30  ? 161 ASN A CG   1 
ATOM   435 O  OD1  . ASN A 1 26 ? -3.077  -11.593 3.852   1.00 2.21  ? 161 ASN A OD1  1 
ATOM   436 N  ND2  . ASN A 1 26 ? -5.224  -11.958 3.959   1.00 1.91  ? 161 ASN A ND2  1 
ATOM   437 H  H    . ASN A 1 26 ? -1.797  -11.458 2.034   1.00 0.62  ? 161 ASN A H    1 
ATOM   438 H  HA   . ASN A 1 26 ? -3.329  -9.519  0.645   1.00 0.36  ? 161 ASN A HA   1 
ATOM   439 H  HB2  . ASN A 1 26 ? -5.301  -10.460 1.844   1.00 1.02  ? 161 ASN A HB2  1 
ATOM   440 H  HB3  . ASN A 1 26 ? -4.256  -11.720 1.191   1.00 1.24  ? 161 ASN A HB3  1 
ATOM   441 H  HD21 . ASN A 1 26 ? -6.108  -11.902 3.536   1.00 2.07  ? 161 ASN A HD21 1 
ATOM   442 H  HD22 . ASN A 1 26 ? -5.135  -12.343 4.856   1.00 2.64  ? 161 ASN A HD22 1 
ATOM   443 N  N    . GLY A 1 27 ? -3.181  -7.506  2.160   1.00 0.30  ? 162 GLY A N    1 
ATOM   444 C  CA   . GLY A 1 27 ? -3.271  -6.328  3.069   1.00 0.34  ? 162 GLY A CA   1 
ATOM   445 C  C    . GLY A 1 27 ? -4.034  -5.201  2.388   1.00 0.34  ? 162 GLY A C    1 
ATOM   446 O  O    . GLY A 1 27 ? -5.156  -5.373  1.948   1.00 0.52  ? 162 GLY A O    1 
ATOM   447 H  H    . GLY A 1 27 ? -2.954  -7.377  1.208   1.00 0.33  ? 162 GLY A H    1 
ATOM   448 H  HA2  . GLY A 1 27 ? -3.777  -6.613  3.977   1.00 0.40  ? 162 GLY A HA2  1 
ATOM   449 H  HA3  . GLY A 1 27 ? -2.275  -5.987  3.308   1.00 0.35  ? 162 GLY A HA3  1 
ATOM   450 N  N    . PHE A 1 28 ? -3.433  -4.044  2.306   1.00 0.31  ? 163 PHE A N    1 
ATOM   451 C  CA   . PHE A 1 28 ? -4.114  -2.890  1.662   1.00 0.32  ? 163 PHE A CA   1 
ATOM   452 C  C    . PHE A 1 28 ? -3.194  -2.261  0.612   1.00 0.32  ? 163 PHE A C    1 
ATOM   453 O  O    . PHE A 1 28 ? -2.153  -1.712  0.932   1.00 0.34  ? 163 PHE A O    1 
ATOM   454 C  CB   . PHE A 1 28 ? -4.441  -1.838  2.725   1.00 0.38  ? 163 PHE A CB   1 
ATOM   455 C  CG   . PHE A 1 28 ? -5.752  -2.172  3.393   1.00 0.44  ? 163 PHE A CG   1 
ATOM   456 C  CD1  . PHE A 1 28 ? -6.960  -1.823  2.778   1.00 1.26  ? 163 PHE A CD1  1 
ATOM   457 C  CD2  . PHE A 1 28 ? -5.759  -2.826  4.630   1.00 1.36  ? 163 PHE A CD2  1 
ATOM   458 C  CE1  . PHE A 1 28 ? -8.176  -2.127  3.401   1.00 1.30  ? 163 PHE A CE1  1 
ATOM   459 C  CE2  . PHE A 1 28 ? -6.975  -3.131  5.253   1.00 1.47  ? 163 PHE A CE2  1 
ATOM   460 C  CZ   . PHE A 1 28 ? -8.182  -2.782  4.640   1.00 0.77  ? 163 PHE A CZ   1 
ATOM   461 H  H    . PHE A 1 28 ? -2.531  -3.936  2.674   1.00 0.42  ? 163 PHE A H    1 
ATOM   462 H  HA   . PHE A 1 28 ? -5.029  -3.227  1.193   1.00 0.32  ? 163 PHE A HA   1 
ATOM   463 H  HB2  . PHE A 1 28 ? -3.655  -1.820  3.467   1.00 0.44  ? 163 PHE A HB2  1 
ATOM   464 H  HB3  . PHE A 1 28 ? -4.515  -0.867  2.259   1.00 0.45  ? 163 PHE A HB3  1 
ATOM   465 H  HD1  . PHE A 1 28 ? -6.954  -1.317  1.824   1.00 2.16  ? 163 PHE A HD1  1 
ATOM   466 H  HD2  . PHE A 1 28 ? -4.827  -3.097  5.104   1.00 2.22  ? 163 PHE A HD2  1 
ATOM   467 H  HE1  . PHE A 1 28 ? -9.108  -1.857  2.928   1.00 2.16  ? 163 PHE A HE1  1 
ATOM   468 H  HE2  . PHE A 1 28 ? -6.980  -3.637  6.208   1.00 2.38  ? 163 PHE A HE2  1 
ATOM   469 H  HZ   . PHE A 1 28 ? -9.121  -3.017  5.120   1.00 0.92  ? 163 PHE A HZ   1 
ATOM   470 N  N    . ARG A 1 29 ? -3.576  -2.336  -0.636  1.00 0.33  ? 164 ARG A N    1 
ATOM   471 C  CA   . ARG A 1 29 ? -2.744  -1.737  -1.720  1.00 0.36  ? 164 ARG A CA   1 
ATOM   472 C  C    . ARG A 1 29 ? -3.539  -0.653  -2.441  1.00 0.37  ? 164 ARG A C    1 
ATOM   473 O  O    . ARG A 1 29 ? -4.713  -0.813  -2.724  1.00 0.46  ? 164 ARG A O    1 
ATOM   474 C  CB   . ARG A 1 29 ? -2.367  -2.795  -2.756  1.00 0.43  ? 164 ARG A CB   1 
ATOM   475 C  CG   . ARG A 1 29 ? -3.564  -3.710  -3.047  1.00 0.86  ? 164 ARG A CG   1 
ATOM   476 C  CD   . ARG A 1 29 ? -3.287  -4.532  -4.307  1.00 1.36  ? 164 ARG A CD   1 
ATOM   477 N  NE   . ARG A 1 29 ? -3.629  -3.723  -5.511  1.00 1.47  ? 164 ARG A NE   1 
ATOM   478 C  CZ   . ARG A 1 29 ? -3.149  -4.056  -6.678  1.00 1.91  ? 164 ARG A CZ   1 
ATOM   479 N  NH1  . ARG A 1 29 ? -3.694  -5.031  -7.352  1.00 2.47  ? 164 ARG A NH1  1 
ATOM   480 N  NH2  . ARG A 1 29 ? -2.124  -3.415  -7.169  1.00 2.49  ? 164 ARG A NH2  1 
ATOM   481 H  H    . ARG A 1 29 ? -4.409  -2.794  -0.863  1.00 0.33  ? 164 ARG A H    1 
ATOM   482 H  HA   . ARG A 1 29 ? -1.848  -1.310  -1.296  1.00 0.36  ? 164 ARG A HA   1 
ATOM   483 H  HB2  . ARG A 1 29 ? -2.078  -2.295  -3.665  1.00 0.78  ? 164 ARG A HB2  1 
ATOM   484 H  HB3  . ARG A 1 29 ? -1.542  -3.380  -2.393  1.00 0.92  ? 164 ARG A HB3  1 
ATOM   485 H  HG2  . ARG A 1 29 ? -3.723  -4.374  -2.211  1.00 1.41  ? 164 ARG A HG2  1 
ATOM   486 H  HG3  . ARG A 1 29 ? -4.447  -3.108  -3.201  1.00 1.31  ? 164 ARG A HG3  1 
ATOM   487 H  HD2  . ARG A 1 29 ? -2.242  -4.801  -4.340  1.00 1.95  ? 164 ARG A HD2  1 
ATOM   488 H  HD3  . ARG A 1 29 ? -3.890  -5.427  -4.293  1.00 2.03  ? 164 ARG A HD3  1 
ATOM   489 H  HE   . ARG A 1 29 ? -4.213  -2.941  -5.427  1.00 1.90  ? 164 ARG A HE   1 
ATOM   490 H  HH11 . ARG A 1 29 ? -4.480  -5.522  -6.976  1.00 2.78  ? 164 ARG A HH11 1 
ATOM   491 H  HH12 . ARG A 1 29 ? -3.326  -5.287  -8.247  1.00 2.95  ? 164 ARG A HH12 1 
ATOM   492 H  HH21 . ARG A 1 29 ? -1.707  -2.669  -6.651  1.00 2.79  ? 164 ARG A HH21 1 
ATOM   493 H  HH22 . ARG A 1 29 ? -1.756  -3.672  -8.063  1.00 3.00  ? 164 ARG A HH22 1 
ATOM   494 N  N    . CYS A 1 30 ? -2.898  0.439   -2.764  1.00 0.39  ? 165 CYS A N    1 
ATOM   495 C  CA   . CYS A 1 30 ? -3.593  1.532   -3.498  1.00 0.43  ? 165 CYS A CA   1 
ATOM   496 C  C    . CYS A 1 30 ? -3.716  1.113   -4.961  1.00 0.49  ? 165 CYS A C    1 
ATOM   497 O  O    . CYS A 1 30 ? -2.725  0.831   -5.613  1.00 0.54  ? 165 CYS A O    1 
ATOM   498 C  CB   . CYS A 1 30 ? -2.769  2.815   -3.391  1.00 0.49  ? 165 CYS A CB   1 
ATOM   499 S  SG   . CYS A 1 30 ? -3.644  4.185   -4.191  1.00 1.19  ? 165 CYS A SG   1 
ATOM   500 H  H    . CYS A 1 30 ? -1.948  0.531   -2.540  1.00 0.46  ? 165 CYS A H    1 
ATOM   501 H  HA   . CYS A 1 30 ? -4.575  1.689   -3.079  1.00 0.43  ? 165 CYS A HA   1 
ATOM   502 H  HB2  . CYS A 1 30 ? -2.610  3.051   -2.350  1.00 1.11  ? 165 CYS A HB2  1 
ATOM   503 H  HB3  . CYS A 1 30 ? -1.818  2.665   -3.872  1.00 0.83  ? 165 CYS A HB3  1 
ATOM   504 N  N    . GLN A 1 31 ? -4.924  1.050   -5.469  1.00 0.53  ? 166 GLN A N    1 
ATOM   505 C  CA   . GLN A 1 31 ? -5.131  0.619   -6.887  1.00 0.62  ? 166 GLN A CA   1 
ATOM   506 C  C    . GLN A 1 31 ? -5.065  1.813   -7.852  1.00 0.71  ? 166 GLN A C    1 
ATOM   507 O  O    . GLN A 1 31 ? -5.523  1.724   -8.976  1.00 0.97  ? 166 GLN A O    1 
ATOM   508 C  CB   . GLN A 1 31 ? -6.497  -0.053  -7.019  1.00 0.64  ? 166 GLN A CB   1 
ATOM   509 C  CG   . GLN A 1 31 ? -6.512  -0.939  -8.268  1.00 1.46  ? 166 GLN A CG   1 
ATOM   510 C  CD   . GLN A 1 31 ? -7.947  -1.076  -8.784  1.00 1.71  ? 166 GLN A CD   1 
ATOM   511 O  OE1  . GLN A 1 31 ? -8.523  -0.122  -9.266  1.00 2.06  ? 166 GLN A OE1  1 
ATOM   512 N  NE2  . GLN A 1 31 ? -8.548  -2.231  -8.705  1.00 2.33  ? 166 GLN A NE2  1 
ATOM   513 H  H    . GLN A 1 31 ? -5.699  1.269   -4.907  1.00 0.52  ? 166 GLN A H    1 
ATOM   514 H  HA   . GLN A 1 31 ? -4.362  -0.092  -7.155  1.00 0.65  ? 166 GLN A HA   1 
ATOM   515 H  HB2  . GLN A 1 31 ? -6.687  -0.659  -6.145  1.00 1.05  ? 166 GLN A HB2  1 
ATOM   516 H  HB3  . GLN A 1 31 ? -7.263  0.703   -7.108  1.00 1.26  ? 166 GLN A HB3  1 
ATOM   517 H  HG2  . GLN A 1 31 ? -5.895  -0.491  -9.033  1.00 2.11  ? 166 GLN A HG2  1 
ATOM   518 H  HG3  . GLN A 1 31 ? -6.126  -1.917  -8.022  1.00 2.04  ? 166 GLN A HG3  1 
ATOM   519 H  HE21 . GLN A 1 31 ? -8.083  -3.002  -8.319  1.00 2.77  ? 166 GLN A HE21 1 
ATOM   520 H  HE22 . GLN A 1 31 ? -9.468  -2.328  -9.033  1.00 2.67  ? 166 GLN A HE22 1 
ATOM   521 N  N    . THR A 1 32 ? -4.496  2.915   -7.437  1.00 0.62  ? 167 THR A N    1 
ATOM   522 C  CA   . THR A 1 32 ? -4.393  4.097   -8.346  1.00 0.71  ? 167 THR A CA   1 
ATOM   523 C  C    . THR A 1 32 ? -2.916  4.360   -8.641  1.00 0.69  ? 167 THR A C    1 
ATOM   524 O  O    . THR A 1 32 ? -2.552  4.774   -9.727  1.00 0.82  ? 167 THR A O    1 
ATOM   525 C  CB   . THR A 1 32 ? -5.022  5.329   -7.690  1.00 0.77  ? 167 THR A CB   1 
ATOM   526 O  OG1  . THR A 1 32 ? -5.843  4.931   -6.599  1.00 1.20  ? 167 THR A OG1  1 
ATOM   527 C  CG2  . THR A 1 32 ? -5.868  6.087   -8.718  1.00 1.27  ? 167 THR A CG2  1 
ATOM   528 H  H    . THR A 1 32 ? -4.127  2.964   -6.533  1.00 0.60  ? 167 THR A H    1 
ATOM   529 H  HA   . THR A 1 32 ? -4.903  3.885   -9.265  1.00 0.82  ? 167 THR A HA   1 
ATOM   530 H  HB   . THR A 1 32 ? -4.243  5.974   -7.335  1.00 1.08  ? 167 THR A HB   1 
ATOM   531 H  HG1  . THR A 1 32 ? -6.527  4.350   -6.941  1.00 1.49  ? 167 THR A HG1  1 
ATOM   532 H  HG21 . THR A 1 32 ? -6.604  5.418   -9.139  1.00 1.82  ? 167 THR A HG21 1 
ATOM   533 H  HG22 . THR A 1 32 ? -6.367  6.914   -8.235  1.00 1.76  ? 167 THR A HG22 1 
ATOM   534 H  HG23 . THR A 1 32 ? -5.228  6.460   -9.503  1.00 1.74  ? 167 THR A HG23 1 
ATOM   535 N  N    . CYS A 1 33 ? -2.067  4.112   -7.680  1.00 0.62  ? 168 CYS A N    1 
ATOM   536 C  CA   . CYS A 1 33 ? -0.608  4.328   -7.886  1.00 0.69  ? 168 CYS A CA   1 
ATOM   537 C  C    . CYS A 1 33 ? 0.114   2.977   -7.843  1.00 0.68  ? 168 CYS A C    1 
ATOM   538 O  O    . CYS A 1 33 ? 1.152   2.803   -8.457  1.00 0.80  ? 168 CYS A O    1 
ATOM   539 C  CB   . CYS A 1 33 ? -0.057  5.239   -6.783  1.00 0.74  ? 168 CYS A CB   1 
ATOM   540 S  SG   . CYS A 1 33 ? -0.460  4.548   -5.157  1.00 0.74  ? 168 CYS A SG   1 
ATOM   541 H  H    . CYS A 1 33 ? -2.390  3.775   -6.822  1.00 0.60  ? 168 CYS A H    1 
ATOM   542 H  HA   . CYS A 1 33 ? -0.447  4.791   -8.849  1.00 0.79  ? 168 CYS A HA   1 
ATOM   543 H  HB2  . CYS A 1 33 ? 1.016   5.315   -6.884  1.00 1.01  ? 168 CYS A HB2  1 
ATOM   544 H  HB3  . CYS A 1 33 ? -0.496  6.222   -6.875  1.00 0.84  ? 168 CYS A HB3  1 
ATOM   545 N  N    . GLY A 1 34 ? -0.416  2.022   -7.111  1.00 0.60  ? 169 GLY A N    1 
ATOM   546 C  CA   . GLY A 1 34 ? 0.248   0.695   -7.017  1.00 0.64  ? 169 GLY A CA   1 
ATOM   547 C  C    . GLY A 1 34 ? 1.021   0.643   -5.705  1.00 0.58  ? 169 GLY A C    1 
ATOM   548 O  O    . GLY A 1 34 ? 2.149   0.189   -5.654  1.00 0.69  ? 169 GLY A O    1 
ATOM   549 H  H    . GLY A 1 34 ? -1.249  2.182   -6.611  1.00 0.59  ? 169 GLY A H    1 
ATOM   550 H  HA2  . GLY A 1 34 ? -0.498  -0.087  -7.034  1.00 0.65  ? 169 GLY A HA2  1 
ATOM   551 H  HA3  . GLY A 1 34 ? 0.931   0.569   -7.842  1.00 0.74  ? 169 GLY A HA3  1 
ATOM   552 N  N    . TYR A 1 35 ? 0.416   1.109   -4.642  1.00 0.51  ? 170 TYR A N    1 
ATOM   553 C  CA   . TYR A 1 35 ? 1.108   1.094   -3.320  1.00 0.48  ? 170 TYR A CA   1 
ATOM   554 C  C    . TYR A 1 35 ? 0.733   -0.191  -2.593  1.00 0.40  ? 170 TYR A C    1 
ATOM   555 O  O    . TYR A 1 35 ? -0.218  -0.858  -2.962  1.00 0.44  ? 170 TYR A O    1 
ATOM   556 C  CB   . TYR A 1 35 ? 0.686   2.318   -2.495  1.00 0.56  ? 170 TYR A CB   1 
ATOM   557 C  CG   . TYR A 1 35 ? 1.925   3.202   -2.209  1.00 0.70  ? 170 TYR A CG   1 
ATOM   558 C  CD1  . TYR A 1 35 ? 1.936   3.641   -0.839  1.00 1.38  ? 170 TYR A CD1  1 
ATOM   559 C  CD2  . TYR A 1 35 ? 2.180   4.510   -1.719  1.00 1.53  ? 170 TYR A CD2  1 
ATOM   560 C  CE1  . TYR A 1 35 ? 2.892   4.473   -1.555  1.00 1.50  ? 170 TYR A CE1  1 
ATOM   561 C  CE2  . TYR A 1 35 ? 2.693   3.616   -0.689  1.00 1.72  ? 170 TYR A CE2  1 
ATOM   562 C  CZ   . TYR A 1 35 ? 3.205   3.149   -1.947  1.00 1.21  ? 170 TYR A CZ   1 
ATOM   563 O  OH   . TYR A 1 35 ? 4.242   2.234   -1.727  1.00 1.51  ? 170 TYR A OH   1 
ATOM   564 H  H    . TYR A 1 35 ? -0.499  1.464   -4.719  1.00 0.55  ? 170 TYR A H    1 
ATOM   565 H  HA   . TYR A 1 35 ? 2.178   1.112   -3.479  1.00 0.54  ? 170 TYR A HA   1 
ATOM   566 H  HB2  . TYR A 1 35 ? -0.041  2.891   -3.052  1.00 0.59  ? 170 TYR A HB2  1 
ATOM   567 H  HB3  . TYR A 1 35 ? 0.249   1.995   -1.560  1.00 0.66  ? 170 TYR A HB3  1 
ATOM   568 H  HD1  . TYR A 1 35 ? 1.060   4.054   -0.219  1.00 2.19  ? 170 TYR A HD1  1 
ATOM   569 H  HD2  . TYR A 1 35 ? 2.556   5.383   -2.340  1.00 2.32  ? 170 TYR A HD2  1 
ATOM   570 H  HE1  . TYR A 1 35 ? 2.866   5.381   -2.241  1.00 2.29  ? 170 TYR A HE1  1 
ATOM   571 H  HE2  . TYR A 1 35 ? 3.288   3.968   0.232   1.00 2.59  ? 170 TYR A HE2  1 
ATOM   572 H  HH   . TYR A 1 35 ? 5.062   2.727   -1.655  1.00 1.74  ? 170 TYR A HH   1 
ATOM   573 N  N    . LYS A 1 36 ? 1.475   -0.563  -1.581  1.00 0.38  ? 171 LYS A N    1 
ATOM   574 C  CA   . LYS A 1 36 ? 1.153   -1.827  -0.866  1.00 0.41  ? 171 LYS A CA   1 
ATOM   575 C  C    . LYS A 1 36 ? 1.757   -1.831  0.533   1.00 0.39  ? 171 LYS A C    1 
ATOM   576 O  O    . LYS A 1 36 ? 2.927   -1.537  0.703   1.00 0.52  ? 171 LYS A O    1 
ATOM   577 C  CB   . LYS A 1 36 ? 1.746   -2.997  -1.656  1.00 0.58  ? 171 LYS A CB   1 
ATOM   578 C  CG   . LYS A 1 36 ? 3.251   -2.775  -1.871  1.00 0.60  ? 171 LYS A CG   1 
ATOM   579 C  CD   . LYS A 1 36 ? 3.674   -3.362  -3.223  1.00 1.17  ? 171 LYS A CD   1 
ATOM   580 C  CE   . LYS A 1 36 ? 3.868   -2.236  -4.242  1.00 1.47  ? 171 LYS A CE   1 
ATOM   581 N  NZ   . LYS A 1 36 ? 5.032   -2.554  -5.117  1.00 1.77  ? 171 LYS A NZ   1 
ATOM   582 H  H    . LYS A 1 36 ? 2.251   -0.025  -1.304  1.00 0.43  ? 171 LYS A H    1 
ATOM   583 H  HA   . LYS A 1 36 ? 0.083   -1.946  -0.801  1.00 0.46  ? 171 LYS A HA   1 
ATOM   584 H  HB2  . LYS A 1 36 ? 1.598   -3.910  -1.103  1.00 0.88  ? 171 LYS A HB2  1 
ATOM   585 H  HB3  . LYS A 1 36 ? 1.257   -3.070  -2.614  1.00 0.72  ? 171 LYS A HB3  1 
ATOM   586 H  HG2  . LYS A 1 36 ? 3.468   -1.719  -1.850  1.00 1.11  ? 171 LYS A HG2  1 
ATOM   587 H  HG3  . LYS A 1 36 ? 3.800   -3.269  -1.082  1.00 1.19  ? 171 LYS A HG3  1 
ATOM   588 H  HD2  . LYS A 1 36 ? 4.602   -3.901  -3.105  1.00 1.81  ? 171 LYS A HD2  1 
ATOM   589 H  HD3  . LYS A 1 36 ? 2.911   -4.037  -3.581  1.00 1.84  ? 171 LYS A HD3  1 
ATOM   590 H  HE2  . LYS A 1 36 ? 2.980   -2.139  -4.847  1.00 2.15  ? 171 LYS A HE2  1 
ATOM   591 H  HE3  . LYS A 1 36 ? 4.052   -1.307  -3.721  1.00 1.82  ? 171 LYS A HE3  1 
ATOM   592 H  HZ1  . LYS A 1 36 ? 5.030   -3.568  -5.341  1.00 2.23  ? 171 LYS A HZ1  1 
ATOM   593 H  HZ2  . LYS A 1 36 ? 4.964   -2.003  -5.997  1.00 2.10  ? 171 LYS A HZ2  1 
ATOM   594 H  HZ3  . LYS A 1 36 ? 5.915   -2.314  -4.622  1.00 2.10  ? 171 LYS A HZ3  1 
ATOM   595 N  N    . PHE A 1 37 ? 0.992   -2.213  1.531   1.00 0.34  ? 172 PHE A N    1 
ATOM   596 C  CA   . PHE A 1 37 ? 1.570   -2.293  2.904   1.00 0.43  ? 172 PHE A CA   1 
ATOM   597 C  C    . PHE A 1 37 ? 0.572   -2.863  3.919   1.00 0.37  ? 172 PHE A C    1 
ATOM   598 O  O    . PHE A 1 37 ? -0.584  -3.088  3.616   1.00 0.48  ? 172 PHE A O    1 
ATOM   599 C  CB   . PHE A 1 37 ? 2.086   -0.933  3.363   1.00 0.68  ? 172 PHE A CB   1 
ATOM   600 C  CG   . PHE A 1 37 ? 1.134   0.215   3.089   1.00 0.60  ? 172 PHE A CG   1 
ATOM   601 C  CD1  . PHE A 1 37 ? -0.257  0.079   3.223   1.00 1.33  ? 172 PHE A CD1  1 
ATOM   602 C  CD2  . PHE A 1 37 ? 1.678   1.463   2.757   1.00 1.49  ? 172 PHE A CD2  1 
ATOM   603 C  CE1  . PHE A 1 37 ? -1.090  1.186   3.022   1.00 1.55  ? 172 PHE A CE1  1 
ATOM   604 C  CE2  . PHE A 1 37 ? 0.845   2.565   2.549   1.00 1.81  ? 172 PHE A CE2  1 
ATOM   605 C  CZ   . PHE A 1 37 ? -0.540  2.428   2.684   1.00 1.42  ? 172 PHE A CZ   1 
ATOM   606 H  H    . PHE A 1 37 ? 0.061   -2.483  1.367   1.00 0.36  ? 172 PHE A H    1 
ATOM   607 H  HA   . PHE A 1 37 ? 2.411   -2.966  2.869   1.00 0.55  ? 172 PHE A HA   1 
ATOM   608 H  HB2  . PHE A 1 37 ? 2.248   -0.987  4.409   1.00 0.99  ? 172 PHE A HB2  1 
ATOM   609 H  HB3  . PHE A 1 37 ? 3.029   -0.734  2.873   1.00 1.12  ? 172 PHE A HB3  1 
ATOM   610 H  HD1  . PHE A 1 37 ? -0.691  -0.869  3.476   1.00 2.16  ? 172 PHE A HD1  1 
ATOM   611 H  HD2  . PHE A 1 37 ? 2.747   1.572   2.652   1.00 2.28  ? 172 PHE A HD2  1 
ATOM   612 H  HE1  . PHE A 1 37 ? -2.158  1.083   3.132   1.00 2.34  ? 172 PHE A HE1  1 
ATOM   613 H  HE2  . PHE A 1 37 ? 1.274   3.523   2.294   1.00 2.71  ? 172 PHE A HE2  1 
ATOM   614 H  HZ   . PHE A 1 37 ? -1.184  3.280   2.531   1.00 1.81  ? 172 PHE A HZ   1 
ATOM   615 N  N    . HIS A 1 38 ? 1.032   -3.129  5.125   1.00 0.34  ? 173 HIS A N    1 
ATOM   616 C  CA   . HIS A 1 38 ? 0.141   -3.717  6.173   1.00 0.39  ? 173 HIS A CA   1 
ATOM   617 C  C    . HIS A 1 38 ? -0.467  -2.602  7.052   1.00 0.46  ? 173 HIS A C    1 
ATOM   618 O  O    . HIS A 1 38 ? -0.554  -1.460  6.643   1.00 0.58  ? 173 HIS A O    1 
ATOM   619 C  CB   . HIS A 1 38 ? 0.932   -4.701  7.071   1.00 0.41  ? 173 HIS A CB   1 
ATOM   620 C  CG   . HIS A 1 38 ? 2.170   -5.211  6.420   1.00 0.36  ? 173 HIS A CG   1 
ATOM   621 N  ND1  . HIS A 1 38 ? 3.438   -4.688  6.704   1.00 0.37  ? 173 HIS A ND1  1 
ATOM   622 C  CD2  . HIS A 1 38 ? 2.358   -6.235  5.555   1.00 0.38  ? 173 HIS A CD2  1 
ATOM   623 C  CE1  . HIS A 1 38 ? 4.307   -5.432  6.004   1.00 0.36  ? 173 HIS A CE1  1 
ATOM   624 N  NE2  . HIS A 1 38 ? 3.690   -6.380  5.291   1.00 0.37  ? 173 HIS A NE2  1 
ATOM   625 H  H    . HIS A 1 38 ? 1.973   -2.965  5.335   1.00 0.37  ? 173 HIS A H    1 
ATOM   626 H  HA   . HIS A 1 38 ? -0.658  -4.257  5.684   1.00 0.43  ? 173 HIS A HA   1 
ATOM   627 H  HB2  . HIS A 1 38 ? 1.208   -4.215  7.974   1.00 0.44  ? 173 HIS A HB2  1 
ATOM   628 H  HB3  . HIS A 1 38 ? 0.309   -5.534  7.304   1.00 0.51  ? 173 HIS A HB3  1 
ATOM   629 H  HD2  . HIS A 1 38 ? 1.589   -6.852  5.144   1.00 0.44  ? 173 HIS A HD2  1 
ATOM   630 H  HE1  . HIS A 1 38 ? 5.366   -5.290  6.024   1.00 0.39  ? 173 HIS A HE1  1 
ATOM   631 H  HE2  . HIS A 1 38 ? 4.108   -7.041  4.700   1.00 0.41  ? 173 HIS A HE2  1 
ATOM   632 N  N    . GLU A 1 39 ? -0.902  -2.933  8.254   1.00 0.53  ? 174 GLU A N    1 
ATOM   633 C  CA   . GLU A 1 39 ? -1.519  -1.912  9.159   1.00 0.60  ? 174 GLU A CA   1 
ATOM   634 C  C    . GLU A 1 39 ? -0.453  -0.965  9.736   1.00 0.61  ? 174 GLU A C    1 
ATOM   635 O  O    . GLU A 1 39 ? -0.771  0.115   10.198  1.00 0.69  ? 174 GLU A O    1 
ATOM   636 C  CB   . GLU A 1 39 ? -2.233  -2.630  10.310  1.00 0.70  ? 174 GLU A CB   1 
ATOM   637 C  CG   . GLU A 1 39 ? -3.717  -2.791  9.976   1.00 1.56  ? 174 GLU A CG   1 
ATOM   638 C  CD   . GLU A 1 39 ? -4.370  -3.731  10.992  1.00 2.04  ? 174 GLU A CD   1 
ATOM   639 O  OE1  . GLU A 1 39 ? -3.991  -3.672  12.151  1.00 2.61  ? 174 GLU A OE1  1 
ATOM   640 O  OE2  . GLU A 1 39 ? -5.237  -4.492  10.594  1.00 2.56  ? 174 GLU A OE2  1 
ATOM   641 H  H    . GLU A 1 39 ? -0.832  -3.862  8.556   1.00 0.61  ? 174 GLU A H    1 
ATOM   642 H  HA   . GLU A 1 39 ? -2.240  -1.335  8.601   1.00 0.62  ? 174 GLU A HA   1 
ATOM   643 H  HB2  . GLU A 1 39 ? -1.790  -3.604  10.456  1.00 1.21  ? 174 GLU A HB2  1 
ATOM   644 H  HB3  . GLU A 1 39 ? -2.132  -2.051  11.216  1.00 1.12  ? 174 GLU A HB3  1 
ATOM   645 H  HG2  . GLU A 1 39 ? -4.202  -1.826  10.012  1.00 2.14  ? 174 GLU A HG2  1 
ATOM   646 H  HG3  . GLU A 1 39 ? -3.820  -3.209  8.985   1.00 2.24  ? 174 GLU A HG3  1 
ATOM   647 N  N    . HIS A 1 40 ? 0.802   -1.346  9.704   1.00 0.58  ? 175 HIS A N    1 
ATOM   648 C  CA   . HIS A 1 40 ? 1.882   -0.453  10.238  1.00 0.62  ? 175 HIS A CA   1 
ATOM   649 C  C    . HIS A 1 40 ? 2.074   0.761   9.333   1.00 0.59  ? 175 HIS A C    1 
ATOM   650 O  O    . HIS A 1 40 ? 2.907   1.608   9.604   1.00 0.75  ? 175 HIS A O    1 
ATOM   651 C  CB   . HIS A 1 40 ? 3.204   -1.221  10.253  1.00 0.66  ? 175 HIS A CB   1 
ATOM   652 C  CG   . HIS A 1 40 ? 3.235   -2.159  11.427  1.00 0.80  ? 175 HIS A CG   1 
ATOM   653 N  ND1  . HIS A 1 40 ? 2.698   -3.455  11.363  1.00 1.41  ? 175 HIS A ND1  1 
ATOM   654 C  CD2  . HIS A 1 40 ? 3.725   -2.016  12.699  1.00 1.37  ? 175 HIS A CD2  1 
ATOM   655 C  CE1  . HIS A 1 40 ? 2.887   -4.011  12.574  1.00 1.28  ? 175 HIS A CE1  1 
ATOM   656 N  NE2  . HIS A 1 40 ? 3.508   -3.169  13.411  1.00 1.19  ? 175 HIS A NE2  1 
ATOM   657 H  H    . HIS A 1 40 ? 1.042   -2.214  9.319   1.00 0.59  ? 175 HIS A H    1 
ATOM   658 H  HA   . HIS A 1 40 ? 1.641   -0.131  11.235  1.00 0.69  ? 175 HIS A HA   1 
ATOM   659 H  HB2  . HIS A 1 40 ? 3.307   -1.777  9.332   1.00 0.63  ? 175 HIS A HB2  1 
ATOM   660 H  HB3  . HIS A 1 40 ? 4.020   -0.519  10.325  1.00 0.67  ? 175 HIS A HB3  1 
ATOM   661 H  HD2  . HIS A 1 40 ? 4.209   -1.142  13.109  1.00 2.24  ? 175 HIS A HD2  1 
ATOM   662 H  HE1  . HIS A 1 40 ? 2.577   -5.010  12.839  1.00 1.83  ? 175 HIS A HE1  1 
ATOM   663 H  HE2  . HIS A 1 40 ? 3.757   -3.342  14.342  1.00 1.55  ? 175 HIS A HE2  1 
ATOM   664 N  N    . CYS A 1 41 ? 1.392   0.812   8.220   1.00 0.52  ? 176 CYS A N    1 
ATOM   665 C  CA   . CYS A 1 41 ? 1.618   1.901   7.262   1.00 0.53  ? 176 CYS A CA   1 
ATOM   666 C  C    . CYS A 1 41 ? 0.283   2.468   6.785   1.00 0.63  ? 176 CYS A C    1 
ATOM   667 O  O    . CYS A 1 41 ? 0.140   2.879   5.649   1.00 1.01  ? 176 CYS A O    1 
ATOM   668 C  CB   . CYS A 1 41 ? 2.418   1.323   6.088   1.00 0.51  ? 176 CYS A CB   1 
ATOM   669 S  SG   . CYS A 1 41 ? 3.248   -0.248  6.559   1.00 0.69  ? 176 CYS A SG   1 
ATOM   670 H  H    . CYS A 1 41 ? 0.794   0.094   7.973   1.00 0.57  ? 176 CYS A H    1 
ATOM   671 H  HA   . CYS A 1 41 ? 2.188   2.685   7.725   1.00 0.59  ? 176 CYS A HA   1 
ATOM   672 H  HB2  . CYS A 1 41 ? 1.755   1.140   5.263   1.00 0.63  ? 176 CYS A HB2  1 
ATOM   673 H  HB3  . CYS A 1 41 ? 3.156   2.038   5.797   1.00 0.66  ? 176 CYS A HB3  1 
ATOM   674 N  N    . SER A 1 42 ? -0.684  2.515   7.662   1.00 0.69  ? 177 SER A N    1 
ATOM   675 C  CA   . SER A 1 42 ? -2.010  3.082   7.294   1.00 0.84  ? 177 SER A CA   1 
ATOM   676 C  C    . SER A 1 42 ? -2.006  4.561   7.674   1.00 1.00  ? 177 SER A C    1 
ATOM   677 O  O    . SER A 1 42 ? -2.502  5.405   6.953   1.00 1.59  ? 177 SER A O    1 
ATOM   678 C  CB   . SER A 1 42 ? -3.112  2.350   8.063   1.00 1.01  ? 177 SER A CB   1 
ATOM   679 O  OG   . SER A 1 42 ? -3.692  1.359   7.227   1.00 1.74  ? 177 SER A OG   1 
ATOM   680 H  H    . SER A 1 42 ? -0.528  2.195   8.574   1.00 0.91  ? 177 SER A H    1 
ATOM   681 H  HA   . SER A 1 42 ? -2.170  2.977   6.231   1.00 0.81  ? 177 SER A HA   1 
ATOM   682 H  HB2  . SER A 1 42 ? -2.691  1.876   8.935   1.00 1.28  ? 177 SER A HB2  1 
ATOM   683 H  HB3  . SER A 1 42 ? -3.868  3.061   8.374   1.00 1.53  ? 177 SER A HB3  1 
ATOM   684 H  HG   . SER A 1 42 ? -4.644  1.400   7.333   1.00 2.07  ? 177 SER A HG   1 
ATOM   685 N  N    . THR A 1 43 ? -1.429  4.873   8.807   1.00 1.20  ? 178 THR A N    1 
ATOM   686 C  CA   . THR A 1 43 ? -1.360  6.291   9.260   1.00 1.39  ? 178 THR A CA   1 
ATOM   687 C  C    . THR A 1 43 ? 0.106   6.737   9.306   1.00 1.28  ? 178 THR A C    1 
ATOM   688 O  O    . THR A 1 43 ? 0.413   7.896   9.101   1.00 1.66  ? 178 THR A O    1 
ATOM   689 C  CB   . THR A 1 43 ? -1.974  6.412   10.657  1.00 1.84  ? 178 THR A CB   1 
ATOM   690 O  OG1  . THR A 1 43 ? -1.515  5.341   11.470  1.00 2.56  ? 178 THR A OG1  1 
ATOM   691 C  CG2  . THR A 1 43 ? -3.500  6.361   10.552  1.00 2.08  ? 178 THR A CG2  1 
ATOM   692 H  H    . THR A 1 43 ? -1.035  4.166   9.358   1.00 1.64  ? 178 THR A H    1 
ATOM   693 H  HA   . THR A 1 43 ? -1.905  6.917   8.569   1.00 1.43  ? 178 THR A HA   1 
ATOM   694 H  HB   . THR A 1 43 ? -1.679  7.351   11.099  1.00 2.31  ? 178 THR A HB   1 
ATOM   695 H  HG1  . THR A 1 43 ? -1.897  4.527   11.133  1.00 2.90  ? 178 THR A HG1  1 
ATOM   696 H  HG21 . THR A 1 43 ? -3.817  6.873   9.654   1.00 2.47  ? 178 THR A HG21 1 
ATOM   697 H  HG22 . THR A 1 43 ? -3.824  5.331   10.512  1.00 2.48  ? 178 THR A HG22 1 
ATOM   698 H  HG23 . THR A 1 43 ? -3.936  6.843   11.414  1.00 2.44  ? 178 THR A HG23 1 
ATOM   699 N  N    . LYS A 1 44 ? 1.013   5.827   9.575   1.00 1.22  ? 179 LYS A N    1 
ATOM   700 C  CA   . LYS A 1 44 ? 2.460   6.195   9.636   1.00 1.27  ? 179 LYS A CA   1 
ATOM   701 C  C    . LYS A 1 44 ? 2.917   6.750   8.281   1.00 1.06  ? 179 LYS A C    1 
ATOM   702 O  O    . LYS A 1 44 ? 3.902   7.458   8.201   1.00 1.35  ? 179 LYS A O    1 
ATOM   703 C  CB   . LYS A 1 44 ? 3.296   4.962   9.990   1.00 1.48  ? 179 LYS A CB   1 
ATOM   704 C  CG   . LYS A 1 44 ? 4.745   5.390   10.238  1.00 1.92  ? 179 LYS A CG   1 
ATOM   705 C  CD   . LYS A 1 44 ? 5.472   4.316   11.058  1.00 2.06  ? 179 LYS A CD   1 
ATOM   706 C  CE   . LYS A 1 44 ? 6.384   4.980   12.100  1.00 2.60  ? 179 LYS A CE   1 
ATOM   707 N  NZ   . LYS A 1 44 ? 7.800   4.590   11.842  1.00 2.95  ? 179 LYS A NZ   1 
ATOM   708 H  H    . LYS A 1 44 ? 0.742   4.899   9.737   1.00 1.48  ? 179 LYS A H    1 
ATOM   709 H  HA   . LYS A 1 44 ? 2.602   6.950   10.395  1.00 1.47  ? 179 LYS A HA   1 
ATOM   710 H  HB2  . LYS A 1 44 ? 2.896   4.501   10.881  1.00 1.76  ? 179 LYS A HB2  1 
ATOM   711 H  HB3  . LYS A 1 44 ? 3.265   4.257   9.172   1.00 1.50  ? 179 LYS A HB3  1 
ATOM   712 H  HG2  . LYS A 1 44 ? 5.247   5.521   9.292   1.00 2.27  ? 179 LYS A HG2  1 
ATOM   713 H  HG3  . LYS A 1 44 ? 4.754   6.323   10.781  1.00 2.48  ? 179 LYS A HG3  1 
ATOM   714 H  HD2  . LYS A 1 44 ? 4.747   3.694   11.562  1.00 2.46  ? 179 LYS A HD2  1 
ATOM   715 H  HD3  . LYS A 1 44 ? 6.071   3.708   10.398  1.00 2.20  ? 179 LYS A HD3  1 
ATOM   716 H  HE2  . LYS A 1 44 ? 6.290   6.054   12.038  1.00 2.88  ? 179 LYS A HE2  1 
ATOM   717 H  HE3  . LYS A 1 44 ? 6.097   4.651   13.088  1.00 3.14  ? 179 LYS A HE3  1 
ATOM   718 H  HZ1  . LYS A 1 44 ? 8.034   4.778   10.844  1.00 3.35  ? 179 LYS A HZ1  1 
ATOM   719 H  HZ2  . LYS A 1 44 ? 8.430   5.146   12.455  1.00 3.23  ? 179 LYS A HZ2  1 
ATOM   720 H  HZ3  . LYS A 1 44 ? 7.926   3.579   12.045  1.00 3.15  ? 179 LYS A HZ3  1 
ATOM   721 N  N    . VAL A 1 45 ? 2.210   6.443   7.215   1.00 0.84  ? 180 VAL A N    1 
ATOM   722 C  CA   . VAL A 1 45 ? 2.604   6.964   5.868   1.00 0.97  ? 180 VAL A CA   1 
ATOM   723 C  C    . VAL A 1 45 ? 2.692   8.512   5.935   1.00 1.21  ? 180 VAL A C    1 
ATOM   724 O  O    . VAL A 1 45 ? 1.715   9.150   6.271   1.00 1.35  ? 180 VAL A O    1 
ATOM   725 C  CB   . VAL A 1 45 ? 1.548   6.529   4.837   1.00 1.08  ? 180 VAL A CB   1 
ATOM   726 C  CG1  . VAL A 1 45 ? 0.178   7.101   5.209   1.00 1.33  ? 180 VAL A CG1  1 
ATOM   727 C  CG2  . VAL A 1 45 ? 1.948   7.025   3.443   1.00 1.58  ? 180 VAL A CG2  1 
ATOM   728 H  H    . VAL A 1 45 ? 1.418   5.875   7.302   1.00 0.88  ? 180 VAL A H    1 
ATOM   729 H  HA   . VAL A 1 45 ? 3.560   6.548   5.597   1.00 1.14  ? 180 VAL A HA   1 
ATOM   730 H  HB   . VAL A 1 45 ? 1.489   5.451   4.827   1.00 1.70  ? 180 VAL A HB   1 
ATOM   731 H  HG11 . VAL A 1 45 ? 0.057   7.076   6.282   1.00 1.93  ? 180 VAL A HG11 1 
ATOM   732 H  HG12 . VAL A 1 45 ? 0.106   8.120   4.862   1.00 1.70  ? 180 VAL A HG12 1 
ATOM   733 H  HG13 . VAL A 1 45 ? -0.596  6.507   4.745   1.00 1.81  ? 180 VAL A HG13 1 
ATOM   734 H  HG21 . VAL A 1 45 ? 3.023   7.044   3.361   1.00 2.09  ? 180 VAL A HG21 1 
ATOM   735 H  HG22 . VAL A 1 45 ? 1.542   6.358   2.696   1.00 2.03  ? 180 VAL A HG22 1 
ATOM   736 H  HG23 . VAL A 1 45 ? 1.556   8.019   3.288   1.00 2.03  ? 180 VAL A HG23 1 
ATOM   737 N  N    . PRO A 1 46 ? 3.854   9.083   5.643   1.00 1.65  ? 181 PRO A N    1 
ATOM   738 C  CA   . PRO A 1 46 ? 4.033   10.548  5.711   1.00 2.01  ? 181 PRO A CA   1 
ATOM   739 C  C    . PRO A 1 46 ? 3.352   11.233  4.519   1.00 1.84  ? 181 PRO A C    1 
ATOM   740 O  O    . PRO A 1 46 ? 2.203   11.625  4.608   1.00 2.32  ? 181 PRO A O    1 
ATOM   741 C  CB   . PRO A 1 46 ? 5.557   10.732  5.690   1.00 2.73  ? 181 PRO A CB   1 
ATOM   742 C  CG   . PRO A 1 46 ? 6.142   9.451   5.054   1.00 2.82  ? 181 PRO A CG   1 
ATOM   743 C  CD   . PRO A 1 46 ? 5.074   8.354   5.214   1.00 2.11  ? 181 PRO A CD   1 
ATOM   744 H  HA   . PRO A 1 46 ? 3.634   10.929  6.638   1.00 2.17  ? 181 PRO A HA   1 
ATOM   745 H  HB2  . PRO A 1 46 ? 5.816   11.598  5.096   1.00 2.96  ? 181 PRO A HB2  1 
ATOM   746 H  HB3  . PRO A 1 46 ? 5.932   10.843  6.695   1.00 3.09  ? 181 PRO A HB3  1 
ATOM   747 H  HG2  . PRO A 1 46 ? 6.349   9.620   4.006   1.00 3.02  ? 181 PRO A HG2  1 
ATOM   748 H  HG3  . PRO A 1 46 ? 7.043   9.159   5.568   1.00 3.31  ? 181 PRO A HG3  1 
ATOM   749 H  HD2  . PRO A 1 46 ? 4.905   7.853   4.270   1.00 2.05  ? 181 PRO A HD2  1 
ATOM   750 H  HD3  . PRO A 1 46 ? 5.370   7.646   5.971   1.00 2.24  ? 181 PRO A HD3  1 
ATOM   751 N  N    . THR A 1 47 ? 4.036   11.379  3.408   1.00 1.88  ? 182 THR A N    1 
ATOM   752 C  CA   . THR A 1 47 ? 3.405   12.032  2.230   1.00 2.18  ? 182 THR A CA   1 
ATOM   753 C  C    . THR A 1 47 ? 2.285   11.135  1.716   1.00 1.96  ? 182 THR A C    1 
ATOM   754 O  O    . THR A 1 47 ? 2.531   10.036  1.254   1.00 2.47  ? 182 THR A O    1 
ATOM   755 C  CB   . THR A 1 47 ? 4.446   12.224  1.126   1.00 2.89  ? 182 THR A CB   1 
ATOM   756 O  OG1  . THR A 1 47 ? 5.671   12.657  1.700   1.00 3.30  ? 182 THR A OG1  1 
ATOM   757 C  CG2  . THR A 1 47 ? 3.947   13.269  0.128   1.00 3.61  ? 182 THR A CG2  1 
ATOM   758 H  H    . THR A 1 47 ? 4.957   11.053  3.347   1.00 2.20  ? 182 THR A H    1 
ATOM   759 H  HA   . THR A 1 47 ? 2.999   12.990  2.518   1.00 2.46  ? 182 THR A HA   1 
ATOM   760 H  HB   . THR A 1 47 ? 4.601   11.287  0.611   1.00 3.22  ? 182 THR A HB   1 
ATOM   761 H  HG1  . THR A 1 47 ? 6.388   12.293  1.173   1.00 3.80  ? 182 THR A HG1  1 
ATOM   762 H  HG21 . THR A 1 47 ? 2.964   12.990  -0.224  1.00 3.81  ? 182 THR A HG21 1 
ATOM   763 H  HG22 . THR A 1 47 ? 3.896   14.232  0.611   1.00 4.10  ? 182 THR A HG22 1 
ATOM   764 H  HG23 . THR A 1 47 ? 4.627   13.321  -0.709  1.00 3.99  ? 182 THR A HG23 1 
ATOM   765 N  N    . MET A 1 48 ? 1.057   11.591  1.781   1.00 2.01  ? 183 MET A N    1 
ATOM   766 C  CA   . MET A 1 48 ? -0.077  10.755  1.283   1.00 2.29  ? 183 MET A CA   1 
ATOM   767 C  C    . MET A 1 48 ? 0.163   10.441  -0.196  1.00 2.50  ? 183 MET A C    1 
ATOM   768 O  O    . MET A 1 48 ? 1.119   10.915  -0.782  1.00 2.95  ? 183 MET A O    1 
ATOM   769 C  CB   . MET A 1 48 ? -1.398  11.519  1.448   1.00 2.85  ? 183 MET A CB   1 
ATOM   770 C  CG   . MET A 1 48 ? -2.476  10.575  1.999   1.00 3.15  ? 183 MET A CG   1 
ATOM   771 S  SD   . MET A 1 48 ? -2.614  10.781  3.794   1.00 4.13  ? 183 MET A SD   1 
ATOM   772 C  CE   . MET A 1 48 ? -4.281  11.486  3.811   1.00 4.75  ? 183 MET A CE   1 
ATOM   773 H  H    . MET A 1 48 ? 0.885   12.482  2.152   1.00 2.41  ? 183 MET A H    1 
ATOM   774 H  HA   . MET A 1 48 ? -0.116  9.833   1.844   1.00 2.38  ? 183 MET A HA   1 
ATOM   775 H  HB2  . MET A 1 48 ? -1.251  12.342  2.131   1.00 3.07  ? 183 MET A HB2  1 
ATOM   776 H  HB3  . MET A 1 48 ? -1.717  11.902  0.490   1.00 3.15  ? 183 MET A HB3  1 
ATOM   777 H  HG2  . MET A 1 48 ? -3.425  10.806  1.538   1.00 3.19  ? 183 MET A HG2  1 
ATOM   778 H  HG3  . MET A 1 48 ? -2.208  9.554   1.776   1.00 3.11  ? 183 MET A HG3  1 
ATOM   779 H  HE1  . MET A 1 48 ? -4.961  10.820  3.304   1.00 5.04  ? 183 MET A HE1  1 
ATOM   780 H  HE2  . MET A 1 48 ? -4.605  11.619  4.834   1.00 5.03  ? 183 MET A HE2  1 
ATOM   781 H  HE3  . MET A 1 48 ? -4.272  12.442  3.305   1.00 5.06  ? 183 MET A HE3  1 
ATOM   782 N  N    . CYS A 1 49 ? -0.675  9.642   -0.796  1.00 2.61  ? 184 CYS A N    1 
ATOM   783 C  CA   . CYS A 1 49 ? -0.466  9.296   -2.228  1.00 2.94  ? 184 CYS A CA   1 
ATOM   784 C  C    . CYS A 1 49 ? -0.971  10.427  -3.120  1.00 3.94  ? 184 CYS A C    1 
ATOM   785 O  O    . CYS A 1 49 ? -2.128  10.479  -3.494  1.00 4.53  ? 184 CYS A O    1 
ATOM   786 C  CB   . CYS A 1 49 ? -1.204  7.996   -2.551  1.00 2.91  ? 184 CYS A CB   1 
ATOM   787 S  SG   . CYS A 1 49 ? -0.019  6.630   -2.609  1.00 2.37  ? 184 CYS A SG   1 
ATOM   788 H  H    . CYS A 1 49 ? -1.432  9.261   -0.303  1.00 2.75  ? 184 CYS A H    1 
ATOM   789 H  HA   . CYS A 1 49 ? 0.590   9.163   -2.405  1.00 2.86  ? 184 CYS A HA   1 
ATOM   790 H  HB2  . CYS A 1 49 ? -1.935  7.801   -1.783  1.00 3.30  ? 184 CYS A HB2  1 
ATOM   791 H  HB3  . CYS A 1 49 ? -1.700  8.085   -3.508  1.00 3.39  ? 184 CYS A HB3  1 
ATOM   792 N  N    . VAL A 1 50 ? -0.089  11.324  -3.476  1.00 4.47  ? 185 VAL A N    1 
ATOM   793 C  CA   . VAL A 1 50 ? -0.465  12.459  -4.360  1.00 5.50  ? 185 VAL A CA   1 
ATOM   794 C  C    . VAL A 1 50 ? 0.587   12.567  -5.464  1.00 6.05  ? 185 VAL A C    1 
ATOM   795 O  O    . VAL A 1 50 ? 1.015   13.644  -5.833  1.00 6.59  ? 185 VAL A O    1 
ATOM   796 C  CB   . VAL A 1 50 ? -0.505  13.761  -3.548  1.00 5.94  ? 185 VAL A CB   1 
ATOM   797 C  CG1  . VAL A 1 50 ? -0.959  14.918  -4.446  1.00 6.23  ? 185 VAL A CG1  1 
ATOM   798 C  CG2  . VAL A 1 50 ? -1.485  13.612  -2.380  1.00 6.49  ? 185 VAL A CG2  1 
ATOM   799 H  H    . VAL A 1 50 ? 0.836   11.240  -3.165  1.00 4.39  ? 185 VAL A H    1 
ATOM   800 H  HA   . VAL A 1 50 ? -1.430  12.268  -4.802  1.00 5.88  ? 185 VAL A HA   1 
ATOM   801 H  HB   . VAL A 1 50 ? 0.483   13.974  -3.167  1.00 6.08  ? 185 VAL A HB   1 
ATOM   802 H  HG11 . VAL A 1 50 ? -1.543  14.531  -5.268  1.00 6.40  ? 185 VAL A HG11 1 
ATOM   803 H  HG12 . VAL A 1 50 ? -1.560  15.608  -3.871  1.00 6.46  ? 185 VAL A HG12 1 
ATOM   804 H  HG13 . VAL A 1 50 ? -0.091  15.434  -4.833  1.00 6.41  ? 185 VAL A HG13 1 
ATOM   805 H  HG21 . VAL A 1 50 ? -1.461  12.597  -2.017  1.00 6.76  ? 185 VAL A HG21 1 
ATOM   806 H  HG22 . VAL A 1 50 ? -1.199  14.285  -1.583  1.00 6.69  ? 185 VAL A HG22 1 
ATOM   807 H  HG23 . VAL A 1 50 ? -2.483  13.852  -2.713  1.00 6.72  ? 185 VAL A HG23 1 
ATOM   808 N  N    . ASP A 1 51 ? 1.007   11.444  -5.983  1.00 6.26  ? 186 ASP A N    1 
ATOM   809 C  CA   . ASP A 1 51 ? 2.039   11.448  -7.060  1.00 7.17  ? 186 ASP A CA   1 
ATOM   810 C  C    . ASP A 1 51 ? 1.365   11.704  -8.409  1.00 7.67  ? 186 ASP A C    1 
ATOM   811 O  O    . ASP A 1 51 ? 0.155   11.647  -8.527  1.00 7.82  ? 186 ASP A O    1 
ATOM   812 C  CB   . ASP A 1 51 ? 2.758   10.094  -7.082  1.00 7.69  ? 186 ASP A CB   1 
ATOM   813 C  CG   . ASP A 1 51 ? 1.744   8.968   -7.293  1.00 7.66  ? 186 ASP A CG   1 
ATOM   814 O  OD1  . ASP A 1 51 ? 1.219   8.869   -8.391  1.00 7.87  ? 186 ASP A OD1  1 
ATOM   815 O  OD2  . ASP A 1 51 ? 1.513   8.221   -6.357  1.00 7.73  ? 186 ASP A OD2  1 
ATOM   816 H  H    . ASP A 1 51 ? 0.643   10.596  -5.657  1.00 6.02  ? 186 ASP A H    1 
ATOM   817 H  HA   . ASP A 1 51 ? 2.755   12.232  -6.864  1.00 7.42  ? 186 ASP A HA   1 
ATOM   818 H  HB2  . ASP A 1 51 ? 3.482   10.084  -7.885  1.00 8.46  ? 186 ASP A HB2  1 
ATOM   819 H  HB3  . ASP A 1 51 ? 3.267   9.943   -6.141  1.00 7.62  ? 186 ASP A HB3  1 
ATOM   820 N  N    . TRP A 1 52 ? 2.140   11.988  -9.423  1.00 8.19  ? 187 TRP A N    1 
ATOM   821 C  CA   . TRP A 1 52 ? 1.552   12.249  -10.769 1.00 8.91  ? 187 TRP A CA   1 
ATOM   822 C  C    . TRP A 1 52 ? 2.681   12.350  -11.811 1.00 9.12  ? 187 TRP A C    1 
ATOM   823 O  O    . TRP A 1 52 ? 2.375   12.585  -12.966 1.00 9.20  ? 187 TRP A O    1 
ATOM   824 C  CB   . TRP A 1 52 ? 0.679   13.537  -10.701 1.00 9.61  ? 187 TRP A CB   1 
ATOM   825 C  CG   . TRP A 1 52 ? 1.400   14.772  -11.186 1.00 10.21 ? 187 TRP A CG   1 
ATOM   826 C  CD1  . TRP A 1 52 ? 0.908   15.638  -12.103 1.00 10.49 ? 187 TRP A CD1  1 
ATOM   827 C  CD2  . TRP A 1 52 ? 2.709   15.286  -10.801 1.00 10.84 ? 187 TRP A CD2  1 
ATOM   828 N  NE1  . TRP A 1 52 ? 1.828   16.650  -12.304 1.00 11.25 ? 187 TRP A NE1  1 
ATOM   829 C  CE2  . TRP A 1 52 ? 2.955   16.479  -11.527 1.00 11.48 ? 187 TRP A CE2  1 
ATOM   830 C  CE3  . TRP A 1 52 ? 3.699   14.845  -9.905  1.00 11.14 ? 187 TRP A CE3  1 
ATOM   831 C  CZ2  . TRP A 1 52 ? 4.137   17.201  -11.370 1.00 12.30 ? 187 TRP A CZ2  1 
ATOM   832 C  CZ3  . TRP A 1 52 ? 4.890   15.571  -9.745  1.00 11.99 ? 187 TRP A CZ3  1 
ATOM   833 C  CH2  . TRP A 1 52 ? 5.109   16.746  -10.476 1.00 12.54 ? 187 TRP A CH2  1 
ATOM   834 O  OXT  . TRP A 1 52 ? 3.827   12.185  -11.427 1.00 9.43  ? 187 TRP A OXT  1 
ATOM   835 H  H    . TRP A 1 52 ? 3.110   12.025  -9.300  1.00 8.25  ? 187 TRP A H    1 
ATOM   836 H  HA   . TRP A 1 52 ? 0.918   11.414  -11.033 1.00 9.05  ? 187 TRP A HA   1 
ATOM   837 H  HB2  . TRP A 1 52 ? -0.201  13.393  -11.305 1.00 9.56  ? 187 TRP A HB2  1 
ATOM   838 H  HB3  . TRP A 1 52 ? 0.372   13.690  -9.676  1.00 9.98  ? 187 TRP A HB3  1 
ATOM   839 H  HD1  . TRP A 1 52 ? -0.050  15.554  -12.595 1.00 10.33 ? 187 TRP A HD1  1 
ATOM   840 H  HE1  . TRP A 1 52 ? 1.713   17.405  -12.919 1.00 11.70 ? 187 TRP A HE1  1 
ATOM   841 H  HE3  . TRP A 1 52 ? 3.543   13.942  -9.337  1.00 10.85 ? 187 TRP A HE3  1 
ATOM   842 H  HZ2  . TRP A 1 52 ? 4.300   18.106  -11.936 1.00 12.88 ? 187 TRP A HZ2  1 
ATOM   843 H  HZ3  . TRP A 1 52 ? 5.644   15.220  -9.056  1.00 12.35 ? 187 TRP A HZ3  1 
ATOM   844 H  HH2  . TRP A 1 52 ? 6.027   17.300  -10.349 1.00 13.28 ? 187 TRP A HH2  1 
HETATM 845 ZN ZN   . ZN  B 2 .  ? 3.977   -2.619  6.583   1.00 0.38  ? 1   ZN  A ZN   1 
HETATM 846 ZN ZN   . ZN  C 2 .  ? -1.708  5.053   -3.104  1.00 0.80  ? 2   ZN  A ZN   1 
# 
